data_2A57
#
_entry.id   2A57
#
_cell.length_a   111.130
_cell.length_b   144.890
_cell.length_c   128.310
_cell.angle_alpha   90.00
_cell.angle_beta   90.00
_cell.angle_gamma   90.00
#
_symmetry.space_group_name_H-M   'C 2 2 21'
#
loop_
_entity.id
_entity.type
_entity.pdbx_description
1 polymer '6,7-dimethyl-8-ribityllumazine synthase'
2 non-polymer '3-[8-((2S,3S,4R)-2,3,4,5-TETRAHYDROXYPENTYL)-2,4,7-TRIOXO-1,3,8-TRIHYDROPTERIDIN-6-YL]PROPANOIC ACID'
3 non-polymer 'PHOSPHATE ION'
#
_entity_poly.entity_id   1
_entity_poly.type   'polypeptide(L)'
_entity_poly.pdbx_seq_one_letter_code
;MFSGIKGPNPSDLKGPELRILIVHARYNLQAIEPLVKGAVETMIEKHDVKLENIDIESVPGSWELPQGIRASIARNTYDA
VIGIGVLIKGSTMHFEYISEAVVHGLMRVGLDSGVPVILGLLTVLNEEQALYRAGLNGGHNHGNDWGSAAVEMGLKALY
;
_entity_poly.pdbx_strand_id   A,B,C,D,E
#
loop_
_chem_comp.id
_chem_comp.type
_chem_comp.name
_chem_comp.formula
CRM non-polymer '3-[8-((2S,3S,4R)-2,3,4,5-TETRAHYDROXYPENTYL)-2,4,7-TRIOXO-1,3,8-TRIHYDROPTERIDIN-6-YL]PROPANOIC ACID' 'C14 H18 N4 O9'
PO4 non-polymer 'PHOSPHATE ION' 'O4 P -3'
#
# COMPACT_ATOMS: atom_id res chain seq x y z
N LEU A 13 -11.22 -33.47 1.69
CA LEU A 13 -12.26 -32.49 2.09
C LEU A 13 -13.36 -32.39 1.04
N LYS A 14 -14.61 -32.46 1.49
CA LYS A 14 -15.75 -32.37 0.57
C LYS A 14 -16.66 -31.25 1.03
N GLY A 15 -17.27 -30.56 0.08
CA GLY A 15 -18.14 -29.47 0.43
C GLY A 15 -19.35 -29.40 -0.47
N PRO A 16 -20.32 -30.30 -0.27
CA PRO A 16 -21.54 -30.33 -1.08
C PRO A 16 -22.42 -29.10 -0.85
N GLU A 17 -22.41 -28.56 0.37
CA GLU A 17 -23.22 -27.39 0.69
C GLU A 17 -22.52 -26.06 0.40
N LEU A 18 -21.36 -26.12 -0.25
CA LEU A 18 -20.61 -24.90 -0.55
C LEU A 18 -21.05 -24.18 -1.80
N ARG A 19 -21.08 -22.87 -1.72
CA ARG A 19 -21.42 -22.03 -2.85
C ARG A 19 -20.11 -21.29 -3.18
N ILE A 20 -19.63 -21.47 -4.40
CA ILE A 20 -18.38 -20.86 -4.81
C ILE A 20 -18.56 -19.89 -5.94
N LEU A 21 -17.85 -18.77 -5.86
CA LEU A 21 -17.92 -17.78 -6.93
C LEU A 21 -16.57 -17.75 -7.66
N ILE A 22 -16.62 -17.63 -8.97
CA ILE A 22 -15.41 -17.56 -9.78
C ILE A 22 -15.53 -16.39 -10.73
N VAL A 23 -14.69 -15.38 -10.56
CA VAL A 23 -14.70 -14.25 -11.46
C VAL A 23 -13.37 -14.32 -12.19
N HIS A 24 -13.40 -14.16 -13.51
CA HIS A 24 -12.18 -14.23 -14.30
C HIS A 24 -12.20 -13.13 -15.34
N ALA A 25 -11.03 -12.65 -15.71
CA ALA A 25 -10.97 -11.60 -16.72
C ALA A 25 -10.97 -12.27 -18.09
N ARG A 26 -10.98 -11.49 -19.15
CA ARG A 26 -11.00 -12.08 -20.47
C ARG A 26 -9.75 -11.87 -21.33
N TYR A 27 -8.76 -11.12 -20.82
CA TYR A 27 -7.52 -10.93 -21.58
C TYR A 27 -6.77 -12.26 -21.55
N ASN A 28 -6.02 -12.56 -22.59
CA ASN A 28 -5.27 -13.81 -22.63
C ASN A 28 -6.18 -14.98 -22.33
N LEU A 29 -7.36 -14.94 -22.93
CA LEU A 29 -8.38 -15.96 -22.78
C LEU A 29 -7.88 -17.39 -23.02
N GLN A 30 -6.84 -17.53 -23.83
CA GLN A 30 -6.28 -18.84 -24.12
C GLN A 30 -5.70 -19.53 -22.89
N ALA A 31 -5.33 -18.73 -21.89
CA ALA A 31 -4.75 -19.29 -20.67
C ALA A 31 -5.82 -19.36 -19.60
N ILE A 32 -6.74 -18.41 -19.64
CA ILE A 32 -7.83 -18.32 -18.69
C ILE A 32 -8.70 -19.60 -18.67
N GLU A 33 -9.23 -19.96 -19.82
CA GLU A 33 -10.09 -21.12 -19.91
C GLU A 33 -9.60 -22.39 -19.24
N PRO A 34 -8.39 -22.86 -19.59
CA PRO A 34 -7.89 -24.08 -18.95
C PRO A 34 -7.90 -23.96 -17.42
N LEU A 35 -7.57 -22.76 -16.93
CA LEU A 35 -7.52 -22.49 -15.50
C LEU A 35 -8.90 -22.63 -14.86
N VAL A 36 -9.89 -21.95 -15.42
CA VAL A 36 -11.25 -22.03 -14.91
C VAL A 36 -11.69 -23.50 -14.90
N LYS A 37 -11.54 -24.19 -16.03
CA LYS A 37 -11.90 -25.60 -16.14
C LYS A 37 -11.28 -26.41 -15.01
N GLY A 38 -9.96 -26.36 -14.89
CA GLY A 38 -9.30 -27.11 -13.84
C GLY A 38 -9.88 -26.83 -12.46
N ALA A 39 -10.17 -25.55 -12.22
CA ALA A 39 -10.74 -25.15 -10.95
C ALA A 39 -12.10 -25.82 -10.73
N VAL A 40 -12.96 -25.74 -11.74
CA VAL A 40 -14.29 -26.35 -11.64
C VAL A 40 -14.19 -27.88 -11.54
N GLU A 41 -13.53 -28.50 -12.51
CA GLU A 41 -13.38 -29.95 -12.48
C GLU A 41 -12.88 -30.46 -11.13
N THR A 42 -11.81 -29.86 -10.63
CA THR A 42 -11.29 -30.30 -9.34
C THR A 42 -12.31 -30.19 -8.21
N MET A 43 -13.01 -29.06 -8.13
CA MET A 43 -13.97 -28.87 -7.06
C MET A 43 -15.03 -29.95 -7.09
N ILE A 44 -15.57 -30.20 -8.29
CA ILE A 44 -16.58 -31.23 -8.47
C ILE A 44 -15.99 -32.62 -8.25
N GLU A 45 -15.21 -33.08 -9.22
CA GLU A 45 -14.59 -34.41 -9.16
C GLU A 45 -13.92 -34.78 -7.83
N LYS A 46 -13.24 -33.86 -7.18
CA LYS A 46 -12.56 -34.22 -5.95
C LYS A 46 -13.16 -33.76 -4.63
N HIS A 47 -13.98 -32.71 -4.65
CA HIS A 47 -14.51 -32.25 -3.38
C HIS A 47 -16.02 -32.32 -3.25
N ASP A 48 -16.67 -32.85 -4.28
CA ASP A 48 -18.12 -33.03 -4.29
C ASP A 48 -18.90 -31.73 -4.23
N VAL A 49 -18.49 -30.76 -5.04
CA VAL A 49 -19.18 -29.49 -5.10
C VAL A 49 -20.24 -29.62 -6.18
N LYS A 50 -21.42 -29.07 -5.95
CA LYS A 50 -22.48 -29.17 -6.93
C LYS A 50 -22.36 -28.10 -8.00
N LEU A 51 -22.33 -28.54 -9.25
CA LEU A 51 -22.23 -27.63 -10.39
C LEU A 51 -23.17 -26.43 -10.28
N GLU A 52 -24.38 -26.64 -9.76
CA GLU A 52 -25.34 -25.55 -9.62
C GLU A 52 -24.89 -24.55 -8.56
N ASN A 53 -23.99 -24.99 -7.69
CA ASN A 53 -23.49 -24.14 -6.62
C ASN A 53 -22.21 -23.40 -6.95
N ILE A 54 -21.92 -23.29 -8.24
CA ILE A 54 -20.71 -22.61 -8.68
C ILE A 54 -21.06 -21.53 -9.68
N ASP A 55 -20.98 -20.27 -9.27
CA ASP A 55 -21.29 -19.18 -10.18
C ASP A 55 -20.03 -18.76 -10.89
N ILE A 56 -20.15 -18.45 -12.17
CA ILE A 56 -18.98 -18.02 -12.92
C ILE A 56 -19.25 -16.73 -13.66
N GLU A 57 -18.78 -15.62 -13.10
CA GLU A 57 -18.96 -14.31 -13.72
C GLU A 57 -17.65 -13.94 -14.37
N SER A 58 -17.64 -12.88 -15.17
CA SER A 58 -16.41 -12.46 -15.81
C SER A 58 -16.36 -10.94 -16.01
N VAL A 59 -15.15 -10.40 -16.13
CA VAL A 59 -14.96 -8.98 -16.33
C VAL A 59 -13.94 -8.80 -17.46
N PRO A 60 -13.80 -7.57 -17.97
CA PRO A 60 -12.86 -7.26 -19.04
C PRO A 60 -11.43 -7.69 -18.70
N GLY A 61 -10.79 -6.95 -17.79
CA GLY A 61 -9.43 -7.27 -17.42
C GLY A 61 -9.17 -7.46 -15.94
N SER A 62 -7.94 -7.83 -15.59
CA SER A 62 -7.55 -8.06 -14.21
C SER A 62 -7.84 -6.86 -13.32
N TRP A 63 -7.74 -5.66 -13.88
CA TRP A 63 -7.99 -4.49 -13.07
C TRP A 63 -9.39 -4.53 -12.46
N GLU A 64 -10.33 -5.09 -13.20
CA GLU A 64 -11.71 -5.17 -12.75
C GLU A 64 -12.01 -6.31 -11.77
N LEU A 65 -11.09 -7.25 -11.60
CA LEU A 65 -11.31 -8.37 -10.70
C LEU A 65 -11.77 -7.97 -9.31
N PRO A 66 -11.01 -7.09 -8.61
CA PRO A 66 -11.45 -6.71 -7.27
C PRO A 66 -12.85 -6.10 -7.26
N GLN A 67 -13.09 -5.18 -8.18
CA GLN A 67 -14.38 -4.51 -8.27
C GLN A 67 -15.51 -5.49 -8.62
N GLY A 68 -15.25 -6.42 -9.53
CA GLY A 68 -16.28 -7.38 -9.89
C GLY A 68 -16.64 -8.27 -8.71
N ILE A 69 -15.64 -8.74 -7.99
CA ILE A 69 -15.84 -9.60 -6.82
C ILE A 69 -16.60 -8.84 -5.73
N ARG A 70 -16.21 -7.59 -5.45
CA ARG A 70 -16.90 -6.82 -4.42
C ARG A 70 -18.38 -6.77 -4.76
N ALA A 71 -18.71 -6.36 -5.98
CA ALA A 71 -20.09 -6.28 -6.41
C ALA A 71 -20.82 -7.59 -6.16
N SER A 72 -20.33 -8.68 -6.73
CA SER A 72 -20.97 -9.97 -6.55
C SER A 72 -21.08 -10.38 -5.09
N ILE A 73 -20.03 -10.16 -4.30
CA ILE A 73 -20.03 -10.51 -2.89
C ILE A 73 -21.19 -9.82 -2.17
N ALA A 74 -21.63 -8.67 -2.67
CA ALA A 74 -22.72 -7.93 -2.07
C ALA A 74 -24.09 -8.49 -2.50
N ARG A 75 -24.24 -8.81 -3.78
CA ARG A 75 -25.49 -9.37 -4.32
C ARG A 75 -25.89 -10.68 -3.65
N ASN A 76 -25.05 -11.69 -3.75
CA ASN A 76 -25.38 -12.99 -3.16
C ASN A 76 -24.46 -13.37 -2.04
N THR A 77 -24.50 -14.65 -1.66
CA THR A 77 -23.66 -15.14 -0.58
C THR A 77 -22.87 -16.33 -1.04
N TYR A 78 -21.56 -16.26 -0.85
CA TYR A 78 -20.69 -17.36 -1.25
C TYR A 78 -19.82 -17.77 -0.07
N ASP A 79 -19.29 -18.97 -0.13
CA ASP A 79 -18.42 -19.44 0.94
C ASP A 79 -16.97 -19.17 0.61
N ALA A 80 -16.69 -19.00 -0.67
CA ALA A 80 -15.36 -18.75 -1.13
C ALA A 80 -15.43 -18.22 -2.56
N VAL A 81 -14.45 -17.43 -2.96
CA VAL A 81 -14.43 -16.90 -4.30
C VAL A 81 -13.01 -17.00 -4.85
N ILE A 82 -12.90 -17.24 -6.16
CA ILE A 82 -11.62 -17.36 -6.84
C ILE A 82 -11.48 -16.28 -7.91
N GLY A 83 -10.44 -15.46 -7.79
CA GLY A 83 -10.20 -14.41 -8.77
C GLY A 83 -9.16 -14.92 -9.76
N ILE A 84 -9.52 -14.95 -11.03
CA ILE A 84 -8.61 -15.48 -12.05
C ILE A 84 -8.29 -14.49 -13.16
N GLY A 85 -7.02 -14.35 -13.46
CA GLY A 85 -6.62 -13.44 -14.52
C GLY A 85 -5.16 -13.64 -14.84
N VAL A 86 -4.70 -13.19 -15.99
CA VAL A 86 -3.29 -13.34 -16.28
C VAL A 86 -2.75 -12.06 -16.88
N LEU A 87 -1.72 -11.52 -16.23
CA LEU A 87 -1.06 -10.30 -16.67
C LEU A 87 0.29 -10.66 -17.26
N ILE A 88 0.56 -10.14 -18.45
CA ILE A 88 1.80 -10.41 -19.15
C ILE A 88 2.62 -9.16 -19.30
N LYS A 89 3.90 -9.23 -18.97
CA LYS A 89 4.80 -8.08 -19.07
C LYS A 89 4.83 -7.54 -20.52
N GLY A 90 4.67 -6.23 -20.67
CA GLY A 90 4.71 -5.63 -21.99
C GLY A 90 5.91 -4.70 -22.12
N SER A 91 5.80 -3.66 -22.95
CA SER A 91 6.90 -2.73 -23.12
C SER A 91 6.99 -1.62 -22.10
N THR A 92 5.89 -1.35 -21.42
CA THR A 92 5.84 -0.29 -20.42
C THR A 92 5.81 -0.84 -18.99
N MET A 93 5.68 0.06 -18.01
CA MET A 93 5.64 -0.28 -16.58
C MET A 93 4.21 -0.64 -16.15
N HIS A 94 3.29 -0.58 -17.08
CA HIS A 94 1.90 -0.86 -16.84
C HIS A 94 1.70 -2.17 -16.09
N PHE A 95 2.36 -3.21 -16.54
CA PHE A 95 2.29 -4.53 -15.95
C PHE A 95 2.59 -4.50 -14.44
N GLU A 96 3.71 -3.88 -14.08
CA GLU A 96 4.10 -3.79 -12.69
C GLU A 96 3.03 -3.12 -11.83
N TYR A 97 2.54 -1.96 -12.28
CA TYR A 97 1.55 -1.23 -11.50
C TYR A 97 0.17 -1.87 -11.39
N ILE A 98 -0.36 -2.42 -12.47
CA ILE A 98 -1.65 -3.09 -12.39
C ILE A 98 -1.51 -4.26 -11.40
N SER A 99 -0.45 -5.06 -11.60
CA SER A 99 -0.19 -6.23 -10.77
C SER A 99 -0.21 -5.94 -9.29
N GLU A 100 0.57 -4.95 -8.89
CA GLU A 100 0.64 -4.57 -7.50
C GLU A 100 -0.75 -4.12 -7.00
N ALA A 101 -1.40 -3.24 -7.73
CA ALA A 101 -2.72 -2.74 -7.35
C ALA A 101 -3.80 -3.86 -7.28
N VAL A 102 -3.82 -4.74 -8.26
CA VAL A 102 -4.81 -5.80 -8.26
C VAL A 102 -4.61 -6.75 -7.08
N VAL A 103 -3.36 -7.15 -6.83
CA VAL A 103 -3.08 -8.07 -5.75
C VAL A 103 -3.45 -7.43 -4.41
N HIS A 104 -3.13 -6.16 -4.22
CA HIS A 104 -3.52 -5.52 -2.96
C HIS A 104 -5.04 -5.47 -2.88
N GLY A 105 -5.68 -5.17 -4.01
CA GLY A 105 -7.12 -5.08 -4.09
C GLY A 105 -7.86 -6.35 -3.67
N LEU A 106 -7.46 -7.48 -4.23
CA LEU A 106 -8.08 -8.75 -3.92
C LEU A 106 -7.94 -9.04 -2.44
N MET A 107 -6.76 -8.77 -1.89
CA MET A 107 -6.50 -9.00 -0.47
C MET A 107 -7.46 -8.16 0.35
N ARG A 108 -7.66 -6.91 -0.06
CA ARG A 108 -8.57 -6.02 0.65
C ARG A 108 -10.01 -6.51 0.66
N VAL A 109 -10.53 -6.84 -0.53
CA VAL A 109 -11.89 -7.31 -0.66
C VAL A 109 -12.14 -8.53 0.22
N GLY A 110 -11.14 -9.38 0.33
CA GLY A 110 -11.28 -10.55 1.16
C GLY A 110 -11.32 -10.22 2.62
N LEU A 111 -10.37 -9.39 3.09
CA LEU A 111 -10.30 -9.02 4.49
C LEU A 111 -11.46 -8.14 4.92
N ASP A 112 -11.99 -7.33 4.01
CA ASP A 112 -13.11 -6.48 4.37
C ASP A 112 -14.37 -7.30 4.49
N SER A 113 -14.60 -8.16 3.50
CA SER A 113 -15.82 -8.95 3.44
C SER A 113 -15.87 -10.12 4.37
N GLY A 114 -14.71 -10.68 4.71
CA GLY A 114 -14.71 -11.85 5.57
C GLY A 114 -14.88 -13.09 4.72
N VAL A 115 -15.01 -12.92 3.42
CA VAL A 115 -15.15 -14.05 2.51
C VAL A 115 -13.79 -14.41 1.94
N PRO A 116 -13.37 -15.68 2.03
CA PRO A 116 -12.08 -16.12 1.51
C PRO A 116 -11.94 -15.83 0.03
N VAL A 117 -10.82 -15.22 -0.35
CA VAL A 117 -10.57 -14.91 -1.76
C VAL A 117 -9.30 -15.63 -2.18
N ILE A 118 -9.44 -16.56 -3.12
CA ILE A 118 -8.30 -17.33 -3.63
C ILE A 118 -7.66 -16.59 -4.80
N LEU A 119 -6.34 -16.51 -4.78
CA LEU A 119 -5.61 -15.81 -5.82
C LEU A 119 -5.30 -16.70 -7.02
N GLY A 120 -6.01 -16.45 -8.12
CA GLY A 120 -5.78 -17.19 -9.34
C GLY A 120 -5.24 -16.22 -10.39
N LEU A 121 -4.32 -15.37 -9.96
CA LEU A 121 -3.71 -14.35 -10.79
C LEU A 121 -2.32 -14.80 -11.23
N LEU A 122 -2.07 -14.78 -12.53
CA LEU A 122 -0.74 -15.14 -13.03
C LEU A 122 -0.10 -13.86 -13.52
N THR A 123 1.11 -13.57 -13.02
CA THR A 123 1.83 -12.36 -13.40
C THR A 123 3.12 -12.88 -14.03
N VAL A 124 3.08 -13.07 -15.35
CA VAL A 124 4.18 -13.67 -16.09
C VAL A 124 4.92 -12.76 -17.06
N LEU A 125 6.08 -13.24 -17.52
CA LEU A 125 6.89 -12.48 -18.47
C LEU A 125 6.44 -12.71 -19.91
N ASN A 126 5.84 -13.85 -20.18
CA ASN A 126 5.40 -14.15 -21.54
C ASN A 126 4.29 -15.19 -21.56
N GLU A 127 3.54 -15.22 -22.65
CA GLU A 127 2.42 -16.15 -22.81
C GLU A 127 2.78 -17.60 -22.49
N GLU A 128 3.98 -18.03 -22.89
CA GLU A 128 4.39 -19.41 -22.65
C GLU A 128 4.30 -19.74 -21.15
N GLN A 129 4.89 -18.88 -20.31
CA GLN A 129 4.86 -19.12 -18.88
C GLN A 129 3.43 -19.29 -18.38
N ALA A 130 2.50 -18.56 -18.99
CA ALA A 130 1.10 -18.62 -18.58
C ALA A 130 0.51 -19.98 -18.93
N LEU A 131 0.61 -20.35 -20.21
CA LEU A 131 0.09 -21.63 -20.68
C LEU A 131 0.66 -22.78 -19.87
N TYR A 132 1.95 -22.70 -19.57
CA TYR A 132 2.59 -23.75 -18.79
C TYR A 132 1.90 -23.93 -17.46
N ARG A 133 1.56 -22.82 -16.81
CA ARG A 133 0.93 -22.91 -15.51
C ARG A 133 -0.55 -23.24 -15.61
N ALA A 134 -1.05 -23.26 -16.84
CA ALA A 134 -2.44 -23.59 -17.09
C ALA A 134 -2.53 -25.06 -17.49
N GLY A 135 -1.43 -25.79 -17.31
CA GLY A 135 -1.43 -27.21 -17.64
C GLY A 135 -1.01 -27.63 -19.05
N LEU A 136 -0.81 -26.69 -19.96
CA LEU A 136 -0.39 -27.04 -21.31
C LEU A 136 1.11 -27.26 -21.39
N ASN A 137 1.57 -27.77 -22.53
CA ASN A 137 3.00 -28.00 -22.77
C ASN A 137 3.81 -28.63 -21.64
N GLY A 138 3.21 -29.61 -20.96
CA GLY A 138 3.91 -30.31 -19.91
C GLY A 138 3.80 -29.77 -18.51
N GLY A 139 3.09 -28.65 -18.36
CA GLY A 139 2.95 -28.06 -17.04
C GLY A 139 1.78 -28.57 -16.23
N HIS A 140 1.74 -28.16 -14.96
CA HIS A 140 0.70 -28.51 -14.01
C HIS A 140 -0.37 -27.42 -13.98
N ASN A 141 -1.63 -27.78 -14.14
CA ASN A 141 -2.69 -26.77 -14.11
C ASN A 141 -2.91 -26.27 -12.68
N HIS A 142 -2.63 -24.99 -12.47
CA HIS A 142 -2.77 -24.35 -11.15
C HIS A 142 -4.22 -24.10 -10.73
N GLY A 143 -5.14 -24.09 -11.71
CA GLY A 143 -6.54 -23.91 -11.39
C GLY A 143 -7.00 -25.02 -10.47
N ASN A 144 -6.39 -26.19 -10.59
CA ASN A 144 -6.74 -27.31 -9.74
C ASN A 144 -6.43 -26.93 -8.31
N ASP A 145 -5.21 -26.47 -8.07
CA ASP A 145 -4.80 -26.08 -6.73
C ASP A 145 -5.75 -25.05 -6.16
N TRP A 146 -6.15 -24.09 -6.99
CA TRP A 146 -7.04 -23.03 -6.56
C TRP A 146 -8.40 -23.59 -6.14
N GLY A 147 -8.87 -24.58 -6.89
CA GLY A 147 -10.14 -25.21 -6.58
C GLY A 147 -10.11 -25.81 -5.20
N SER A 148 -9.13 -26.65 -4.92
CA SER A 148 -9.03 -27.27 -3.62
C SER A 148 -8.92 -26.21 -2.52
N ALA A 149 -8.19 -25.14 -2.80
CA ALA A 149 -7.99 -24.08 -1.83
C ALA A 149 -9.31 -23.41 -1.52
N ALA A 150 -10.10 -23.16 -2.55
CA ALA A 150 -11.39 -22.53 -2.36
C ALA A 150 -12.21 -23.38 -1.41
N VAL A 151 -12.27 -24.67 -1.69
CA VAL A 151 -13.04 -25.57 -0.86
C VAL A 151 -12.56 -25.56 0.57
N GLU A 152 -11.26 -25.69 0.79
CA GLU A 152 -10.75 -25.71 2.15
C GLU A 152 -11.05 -24.43 2.91
N MET A 153 -10.80 -23.29 2.29
CA MET A 153 -11.04 -22.03 2.97
C MET A 153 -12.52 -21.83 3.24
N GLY A 154 -13.38 -22.29 2.32
CA GLY A 154 -14.81 -22.16 2.50
C GLY A 154 -15.31 -22.89 3.74
N LEU A 155 -14.89 -24.14 3.90
CA LEU A 155 -15.29 -24.92 5.05
C LEU A 155 -14.78 -24.29 6.34
N LYS A 156 -13.47 -24.04 6.42
CA LYS A 156 -12.92 -23.44 7.62
C LYS A 156 -13.58 -22.11 7.97
N ALA A 157 -14.19 -21.46 6.99
CA ALA A 157 -14.87 -20.19 7.24
C ALA A 157 -16.09 -20.45 8.12
N LEU A 158 -16.77 -21.56 7.87
CA LEU A 158 -17.97 -21.94 8.64
C LEU A 158 -17.60 -22.43 10.05
N LEU B 13 10.84 -13.95 30.55
CA LEU B 13 9.38 -13.70 30.51
C LEU B 13 8.60 -15.00 30.42
N LYS B 14 7.59 -15.14 31.28
CA LYS B 14 6.77 -16.35 31.29
C LYS B 14 5.32 -15.95 31.11
N GLY B 15 4.55 -16.79 30.42
CA GLY B 15 3.16 -16.46 30.20
C GLY B 15 2.28 -17.69 30.28
N PRO B 16 2.03 -18.19 31.50
CA PRO B 16 1.19 -19.38 31.69
C PRO B 16 -0.26 -19.14 31.28
N GLU B 17 -0.75 -17.92 31.50
CA GLU B 17 -2.13 -17.58 31.17
C GLU B 17 -2.33 -17.13 29.73
N LEU B 18 -1.28 -17.21 28.90
CA LEU B 18 -1.37 -16.79 27.52
C LEU B 18 -1.97 -17.81 26.57
N ARG B 19 -2.79 -17.32 25.65
CA ARG B 19 -3.41 -18.17 24.64
C ARG B 19 -2.76 -17.70 23.32
N ILE B 20 -2.10 -18.62 22.62
CA ILE B 20 -1.41 -18.29 21.39
C ILE B 20 -1.99 -19.01 20.19
N LEU B 21 -2.10 -18.29 19.08
CA LEU B 21 -2.59 -18.91 17.87
C LEU B 21 -1.44 -18.99 16.85
N ILE B 22 -1.36 -20.11 16.16
CA ILE B 22 -0.33 -20.29 15.14
C ILE B 22 -0.99 -20.77 13.87
N VAL B 23 -0.95 -19.95 12.82
CA VAL B 23 -1.50 -20.36 11.53
C VAL B 23 -0.31 -20.51 10.62
N HIS B 24 -0.24 -21.59 9.88
CA HIS B 24 0.88 -21.82 8.96
C HIS B 24 0.37 -22.38 7.65
N ALA B 25 1.04 -22.04 6.56
CA ALA B 25 0.62 -22.54 5.27
C ALA B 25 1.22 -23.93 5.08
N ARG B 26 0.89 -24.60 3.98
CA ARG B 26 1.40 -25.93 3.77
C ARG B 26 2.38 -26.12 2.61
N TYR B 27 2.67 -25.05 1.87
CA TYR B 27 3.65 -25.13 0.78
C TYR B 27 5.02 -25.24 1.43
N ASN B 28 5.95 -25.93 0.79
CA ASN B 28 7.30 -26.07 1.33
C ASN B 28 7.23 -26.55 2.77
N LEU B 29 6.37 -27.54 2.99
CA LEU B 29 6.14 -28.14 4.28
C LEU B 29 7.42 -28.62 4.98
N GLN B 30 8.44 -28.91 4.19
CA GLN B 30 9.69 -29.39 4.75
C GLN B 30 10.40 -28.33 5.60
N ALA B 31 10.08 -27.06 5.35
CA ALA B 31 10.69 -25.97 6.09
C ALA B 31 9.73 -25.51 7.18
N ILE B 32 8.44 -25.59 6.87
CA ILE B 32 7.39 -25.18 7.79
C ILE B 32 7.46 -25.92 9.12
N GLU B 33 7.43 -27.25 9.07
CA GLU B 33 7.45 -28.03 10.29
C GLU B 33 8.51 -27.66 11.31
N PRO B 34 9.78 -27.66 10.92
CA PRO B 34 10.80 -27.29 11.90
C PRO B 34 10.50 -25.96 12.57
N LEU B 35 9.96 -25.02 11.79
CA LEU B 35 9.64 -23.69 12.28
C LEU B 35 8.54 -23.71 13.34
N VAL B 36 7.44 -24.38 13.02
CA VAL B 36 6.34 -24.51 13.96
C VAL B 36 6.87 -25.16 15.24
N LYS B 37 7.56 -26.28 15.11
CA LYS B 37 8.14 -26.97 16.26
C LYS B 37 8.95 -26.02 17.13
N GLY B 38 9.95 -25.37 16.55
CA GLY B 38 10.77 -24.46 17.32
C GLY B 38 9.94 -23.43 18.06
N ALA B 39 8.93 -22.90 17.36
CA ALA B 39 8.07 -21.90 17.97
C ALA B 39 7.36 -22.48 19.19
N VAL B 40 6.76 -23.66 19.04
CA VAL B 40 6.07 -24.31 20.15
C VAL B 40 7.03 -24.67 21.28
N GLU B 41 8.06 -25.45 20.98
CA GLU B 41 9.02 -25.84 22.00
C GLU B 41 9.52 -24.63 22.78
N THR B 42 9.94 -23.58 22.09
CA THR B 42 10.43 -22.42 22.81
C THR B 42 9.41 -21.83 23.75
N MET B 43 8.19 -21.61 23.27
CA MET B 43 7.16 -21.04 24.12
C MET B 43 6.96 -21.85 25.40
N ILE B 44 6.82 -23.16 25.25
CA ILE B 44 6.67 -24.07 26.39
C ILE B 44 7.97 -24.10 27.23
N GLU B 45 8.98 -24.80 26.74
CA GLU B 45 10.24 -24.92 27.44
C GLU B 45 10.81 -23.64 28.06
N LYS B 46 10.69 -22.49 27.40
CA LYS B 46 11.29 -21.28 27.97
C LYS B 46 10.37 -20.23 28.55
N HIS B 47 9.10 -20.23 28.15
CA HIS B 47 8.22 -19.19 28.69
C HIS B 47 7.04 -19.71 29.50
N ASP B 48 6.99 -21.03 29.67
CA ASP B 48 5.95 -21.67 30.47
C ASP B 48 4.57 -21.50 29.90
N VAL B 49 4.43 -21.74 28.61
CA VAL B 49 3.13 -21.63 27.99
C VAL B 49 2.53 -23.03 28.03
N LYS B 50 1.23 -23.12 28.29
CA LYS B 50 0.59 -24.42 28.36
C LYS B 50 0.18 -24.96 27.01
N LEU B 51 0.62 -26.18 26.72
CA LEU B 51 0.33 -26.80 25.44
C LEU B 51 -1.13 -26.69 25.04
N GLU B 52 -2.04 -26.77 26.01
CA GLU B 52 -3.47 -26.67 25.71
C GLU B 52 -3.86 -25.25 25.29
N ASN B 53 -3.01 -24.30 25.63
CA ASN B 53 -3.25 -22.90 25.29
C ASN B 53 -2.63 -22.44 23.99
N ILE B 54 -2.27 -23.39 23.14
CA ILE B 54 -1.65 -23.09 21.86
C ILE B 54 -2.44 -23.74 20.74
N ASP B 55 -3.19 -22.94 19.99
CA ASP B 55 -3.95 -23.49 18.87
C ASP B 55 -3.10 -23.47 17.62
N ILE B 56 -3.20 -24.51 16.81
CA ILE B 56 -2.42 -24.56 15.58
C ILE B 56 -3.31 -24.89 14.40
N GLU B 57 -3.69 -23.86 13.65
CA GLU B 57 -4.51 -24.03 12.47
C GLU B 57 -3.60 -23.95 11.24
N SER B 58 -4.10 -24.31 10.07
CA SER B 58 -3.28 -24.23 8.87
C SER B 58 -4.12 -23.89 7.63
N VAL B 59 -3.46 -23.33 6.62
CA VAL B 59 -4.12 -22.94 5.38
C VAL B 59 -3.27 -23.44 4.21
N PRO B 60 -3.83 -23.42 3.00
CA PRO B 60 -3.12 -23.87 1.80
C PRO B 60 -1.80 -23.15 1.62
N GLY B 61 -1.85 -21.89 1.20
CA GLY B 61 -0.63 -21.14 0.99
C GLY B 61 -0.54 -19.82 1.73
N SER B 62 0.63 -19.17 1.64
CA SER B 62 0.88 -17.90 2.28
C SER B 62 -0.19 -16.85 2.01
N TRP B 63 -0.74 -16.87 0.80
CA TRP B 63 -1.77 -15.91 0.46
C TRP B 63 -2.92 -15.97 1.44
N GLU B 64 -3.23 -17.18 1.92
CA GLU B 64 -4.34 -17.37 2.85
C GLU B 64 -4.04 -17.03 4.31
N LEU B 65 -2.77 -16.80 4.63
CA LEU B 65 -2.42 -16.48 6.02
C LEU B 65 -3.22 -15.32 6.61
N PRO B 66 -3.22 -14.14 5.98
CA PRO B 66 -3.99 -13.04 6.56
C PRO B 66 -5.47 -13.39 6.76
N GLN B 67 -6.07 -13.99 5.76
CA GLN B 67 -7.46 -14.35 5.81
C GLN B 67 -7.74 -15.40 6.88
N GLY B 68 -6.84 -16.38 7.01
CA GLY B 68 -7.04 -17.42 8.02
C GLY B 68 -6.97 -16.83 9.42
N ILE B 69 -5.99 -15.97 9.64
CA ILE B 69 -5.83 -15.34 10.93
C ILE B 69 -7.05 -14.48 11.24
N ARG B 70 -7.48 -13.64 10.31
CA ARG B 70 -8.63 -12.79 10.55
C ARG B 70 -9.81 -13.63 11.06
N ALA B 71 -10.12 -14.70 10.32
CA ALA B 71 -11.20 -15.60 10.67
C ALA B 71 -11.03 -16.09 12.10
N SER B 72 -9.92 -16.74 12.38
CA SER B 72 -9.69 -17.26 13.73
C SER B 72 -9.73 -16.17 14.81
N ILE B 73 -9.13 -15.01 14.55
CA ILE B 73 -9.14 -13.92 15.51
C ILE B 73 -10.57 -13.55 15.89
N ALA B 74 -11.52 -13.79 14.99
CA ALA B 74 -12.92 -13.47 15.25
C ALA B 74 -13.61 -14.56 16.08
N ARG B 75 -13.35 -15.83 15.78
CA ARG B 75 -13.95 -16.95 16.50
C ARG B 75 -13.58 -16.95 17.98
N ASN B 76 -12.29 -17.04 18.28
CA ASN B 76 -11.86 -17.08 19.67
C ASN B 76 -11.06 -15.87 20.08
N THR B 77 -10.41 -15.97 21.22
CA THR B 77 -9.59 -14.88 21.73
C THR B 77 -8.18 -15.37 22.02
N TYR B 78 -7.20 -14.66 21.46
CA TYR B 78 -5.82 -15.00 21.66
C TYR B 78 -5.07 -13.78 22.12
N ASP B 79 -3.90 -14.00 22.71
CA ASP B 79 -3.10 -12.89 23.20
C ASP B 79 -2.07 -12.50 22.16
N ALA B 80 -1.78 -13.45 21.28
CA ALA B 80 -0.82 -13.22 20.22
C ALA B 80 -0.99 -14.32 19.17
N VAL B 81 -0.61 -14.02 17.94
CA VAL B 81 -0.71 -14.99 16.88
C VAL B 81 0.55 -14.94 16.03
N ILE B 82 0.95 -16.09 15.51
CA ILE B 82 2.13 -16.19 14.67
C ILE B 82 1.75 -16.69 13.28
N GLY B 83 2.08 -15.92 12.25
CA GLY B 83 1.79 -16.32 10.88
C GLY B 83 3.03 -16.95 10.31
N ILE B 84 2.95 -18.18 9.88
CA ILE B 84 4.14 -18.84 9.34
C ILE B 84 3.96 -19.37 7.92
N GLY B 85 4.92 -19.06 7.07
CA GLY B 85 4.86 -19.54 5.71
C GLY B 85 6.18 -19.30 5.00
N VAL B 86 6.42 -19.97 3.89
CA VAL B 86 7.66 -19.69 3.19
C VAL B 86 7.42 -19.59 1.70
N LEU B 87 7.83 -18.46 1.14
CA LEU B 87 7.69 -18.17 -0.27
C LEU B 87 9.05 -18.27 -0.91
N ILE B 88 9.12 -19.00 -2.02
CA ILE B 88 10.37 -19.19 -2.75
C ILE B 88 10.28 -18.58 -4.13
N LYS B 89 11.27 -17.80 -4.51
CA LYS B 89 11.32 -17.16 -5.84
C LYS B 89 11.24 -18.21 -6.94
N GLY B 90 10.35 -18.00 -7.91
CA GLY B 90 10.22 -18.92 -9.03
C GLY B 90 10.62 -18.24 -10.33
N SER B 91 10.04 -18.66 -11.45
CA SER B 91 10.39 -18.05 -12.73
C SER B 91 9.66 -16.77 -13.07
N THR B 92 8.51 -16.55 -12.45
CA THR B 92 7.70 -15.36 -12.72
C THR B 92 7.82 -14.31 -11.60
N MET B 93 7.00 -13.25 -11.69
CA MET B 93 7.00 -12.17 -10.70
C MET B 93 6.03 -12.45 -9.57
N HIS B 94 5.38 -13.59 -9.65
CA HIS B 94 4.41 -14.03 -8.67
C HIS B 94 4.93 -13.89 -7.25
N PHE B 95 6.15 -14.37 -7.03
CA PHE B 95 6.79 -14.31 -5.73
C PHE B 95 6.79 -12.89 -5.18
N GLU B 96 7.27 -11.94 -5.96
CA GLU B 96 7.31 -10.56 -5.51
C GLU B 96 5.94 -10.02 -5.10
N TYR B 97 4.93 -10.24 -5.92
CA TYR B 97 3.60 -9.73 -5.61
C TYR B 97 2.89 -10.40 -4.44
N ILE B 98 2.96 -11.72 -4.34
CA ILE B 98 2.33 -12.38 -3.19
C ILE B 98 3.01 -11.86 -1.92
N SER B 99 4.33 -11.86 -1.91
CA SER B 99 5.12 -11.41 -0.76
C SER B 99 4.71 -10.05 -0.24
N GLU B 100 4.69 -9.08 -1.12
CA GLU B 100 4.32 -7.74 -0.74
C GLU B 100 2.89 -7.69 -0.19
N ALA B 101 1.95 -8.34 -0.88
CA ALA B 101 0.56 -8.36 -0.44
C ALA B 101 0.37 -9.07 0.89
N VAL B 102 1.01 -10.21 1.06
CA VAL B 102 0.87 -10.94 2.31
C VAL B 102 1.43 -10.18 3.50
N VAL B 103 2.61 -9.59 3.33
CA VAL B 103 3.21 -8.86 4.42
C VAL B 103 2.35 -7.66 4.79
N HIS B 104 1.81 -6.96 3.80
CA HIS B 104 0.95 -5.83 4.13
C HIS B 104 -0.30 -6.33 4.82
N GLY B 105 -0.82 -7.47 4.35
CA GLY B 105 -2.01 -8.07 4.93
C GLY B 105 -1.90 -8.41 6.40
N LEU B 106 -0.81 -9.09 6.77
CA LEU B 106 -0.59 -9.48 8.14
C LEU B 106 -0.49 -8.26 9.04
N MET B 107 0.20 -7.23 8.57
CA MET B 107 0.33 -6.00 9.33
C MET B 107 -1.06 -5.39 9.55
N ARG B 108 -1.90 -5.43 8.51
CA ARG B 108 -3.24 -4.87 8.63
C ARG B 108 -4.06 -5.63 9.66
N VAL B 109 -4.15 -6.94 9.51
CA VAL B 109 -4.90 -7.74 10.45
C VAL B 109 -4.48 -7.48 11.90
N GLY B 110 -3.20 -7.25 12.11
CA GLY B 110 -2.74 -6.98 13.45
C GLY B 110 -3.20 -5.62 13.94
N LEU B 111 -2.97 -4.59 13.13
CA LEU B 111 -3.36 -3.23 13.51
C LEU B 111 -4.87 -3.04 13.63
N ASP B 112 -5.65 -3.76 12.83
CA ASP B 112 -7.10 -3.62 12.91
C ASP B 112 -7.61 -4.28 14.17
N SER B 113 -7.16 -5.50 14.40
CA SER B 113 -7.63 -6.31 15.52
C SER B 113 -7.09 -5.91 16.88
N GLY B 114 -5.88 -5.36 16.90
CA GLY B 114 -5.32 -5.00 18.18
C GLY B 114 -4.57 -6.19 18.76
N VAL B 115 -4.64 -7.32 18.06
CA VAL B 115 -3.94 -8.52 18.51
C VAL B 115 -2.57 -8.55 17.85
N PRO B 116 -1.50 -8.75 18.63
CA PRO B 116 -0.14 -8.82 18.09
C PRO B 116 0.01 -9.94 17.07
N VAL B 117 0.59 -9.62 15.93
CA VAL B 117 0.82 -10.62 14.89
C VAL B 117 2.31 -10.71 14.63
N ILE B 118 2.88 -11.89 14.89
CA ILE B 118 4.30 -12.12 14.69
C ILE B 118 4.55 -12.64 13.28
N LEU B 119 5.53 -12.04 12.61
CA LEU B 119 5.85 -12.42 11.25
C LEU B 119 6.79 -13.62 11.15
N GLY B 120 6.23 -14.76 10.77
CA GLY B 120 7.02 -15.96 10.59
C GLY B 120 6.99 -16.34 9.12
N LEU B 121 7.16 -15.33 8.28
CA LEU B 121 7.16 -15.46 6.82
C LEU B 121 8.59 -15.43 6.29
N LEU B 122 8.98 -16.45 5.53
CA LEU B 122 10.30 -16.45 4.94
C LEU B 122 10.11 -16.20 3.45
N THR B 123 10.82 -15.22 2.93
CA THR B 123 10.74 -14.86 1.50
C THR B 123 12.16 -15.06 0.99
N VAL B 124 12.41 -16.26 0.49
CA VAL B 124 13.76 -16.66 0.05
C VAL B 124 13.94 -16.89 -1.44
N LEU B 125 15.19 -16.99 -1.86
CA LEU B 125 15.51 -17.25 -3.27
C LEU B 125 15.49 -18.73 -3.62
N ASN B 126 15.75 -19.59 -2.63
CA ASN B 126 15.77 -21.03 -2.86
C ASN B 126 15.52 -21.82 -1.59
N GLU B 127 15.09 -23.06 -1.75
CA GLU B 127 14.78 -23.93 -0.62
C GLU B 127 15.89 -23.99 0.44
N GLU B 128 17.15 -23.98 0.00
CA GLU B 128 18.25 -24.05 0.96
C GLU B 128 18.17 -22.91 1.95
N GLN B 129 17.97 -21.70 1.46
CA GLN B 129 17.91 -20.56 2.35
C GLN B 129 16.80 -20.74 3.39
N ALA B 130 15.73 -21.40 3.00
CA ALA B 130 14.61 -21.64 3.89
C ALA B 130 15.00 -22.61 5.00
N LEU B 131 15.49 -23.78 4.62
CA LEU B 131 15.90 -24.81 5.57
C LEU B 131 16.93 -24.25 6.53
N TYR B 132 17.85 -23.46 6.00
CA TYR B 132 18.87 -22.88 6.85
C TYR B 132 18.24 -22.06 7.96
N ARG B 133 17.21 -21.30 7.63
CA ARG B 133 16.58 -20.46 8.63
C ARG B 133 15.62 -21.24 9.50
N ALA B 134 15.43 -22.51 9.15
CA ALA B 134 14.56 -23.38 9.92
C ALA B 134 15.42 -24.23 10.86
N GLY B 135 16.70 -23.88 10.96
CA GLY B 135 17.58 -24.63 11.85
C GLY B 135 18.38 -25.79 11.26
N LEU B 136 18.09 -26.19 10.03
CA LEU B 136 18.83 -27.28 9.41
C LEU B 136 20.15 -26.81 8.83
N ASN B 137 20.98 -27.78 8.43
CA ASN B 137 22.28 -27.51 7.83
C ASN B 137 23.14 -26.44 8.48
N GLY B 138 23.17 -26.42 9.82
CA GLY B 138 23.99 -25.46 10.52
C GLY B 138 23.38 -24.12 10.85
N GLY B 139 22.14 -23.90 10.43
CA GLY B 139 21.50 -22.62 10.72
C GLY B 139 20.74 -22.56 12.03
N HIS B 140 20.29 -21.35 12.37
CA HIS B 140 19.54 -21.09 13.60
C HIS B 140 18.03 -21.13 13.30
N ASN B 141 17.27 -21.90 14.07
CA ASN B 141 15.82 -21.95 13.83
C ASN B 141 15.15 -20.66 14.28
N HIS B 142 14.57 -19.95 13.31
CA HIS B 142 13.90 -18.67 13.57
C HIS B 142 12.55 -18.80 14.28
N GLY B 143 11.97 -19.99 14.22
CA GLY B 143 10.71 -20.22 14.90
C GLY B 143 10.86 -19.98 16.40
N ASN B 144 12.06 -20.23 16.91
CA ASN B 144 12.31 -19.99 18.31
C ASN B 144 12.14 -18.51 18.59
N ASP B 145 12.79 -17.68 17.78
CA ASP B 145 12.69 -16.23 17.96
C ASP B 145 11.25 -15.78 17.93
N TRP B 146 10.49 -16.33 16.99
CA TRP B 146 9.11 -15.96 16.86
C TRP B 146 8.32 -16.33 18.10
N GLY B 147 8.63 -17.49 18.67
CA GLY B 147 7.95 -17.93 19.89
C GLY B 147 8.14 -16.92 21.01
N SER B 148 9.37 -16.59 21.31
CA SER B 148 9.62 -15.62 22.36
C SER B 148 8.93 -14.30 22.06
N ALA B 149 8.95 -13.88 20.80
CA ALA B 149 8.32 -12.62 20.41
C ALA B 149 6.81 -12.66 20.69
N ALA B 150 6.18 -13.77 20.36
CA ALA B 150 4.76 -13.92 20.58
C ALA B 150 4.49 -13.72 22.06
N VAL B 151 5.24 -14.41 22.90
CA VAL B 151 5.07 -14.30 24.34
C VAL B 151 5.24 -12.87 24.82
N GLU B 152 6.32 -12.22 24.44
CA GLU B 152 6.55 -10.85 24.87
C GLU B 152 5.43 -9.89 24.43
N MET B 153 5.04 -9.95 23.15
CA MET B 153 4.00 -9.06 22.68
C MET B 153 2.67 -9.35 23.36
N GLY B 154 2.41 -10.63 23.63
CA GLY B 154 1.17 -11.00 24.28
C GLY B 154 1.03 -10.35 25.65
N LEU B 155 2.08 -10.47 26.48
CA LEU B 155 2.06 -9.89 27.80
C LEU B 155 1.91 -8.39 27.73
N LYS B 156 2.78 -7.72 26.98
CA LYS B 156 2.69 -6.27 26.87
C LYS B 156 1.33 -5.80 26.36
N ALA B 157 0.60 -6.68 25.69
CA ALA B 157 -0.72 -6.32 25.19
C ALA B 157 -1.67 -6.12 26.38
N LEU B 158 -1.52 -6.97 27.40
CA LEU B 158 -2.34 -6.91 28.61
C LEU B 158 -1.93 -5.71 29.49
N LEU C 13 12.77 25.85 20.35
CA LEU C 13 11.47 25.33 20.85
C LEU C 13 11.65 24.50 22.11
N LYS C 14 10.82 24.77 23.12
CA LYS C 14 10.90 24.04 24.37
C LYS C 14 9.55 23.44 24.67
N GLY C 15 9.54 22.27 25.29
CA GLY C 15 8.29 21.62 25.60
C GLY C 15 8.31 20.94 26.95
N PRO C 16 8.27 21.71 28.05
CA PRO C 16 8.31 21.15 29.41
C PRO C 16 7.06 20.32 29.72
N GLU C 17 5.91 20.70 29.14
CA GLU C 17 4.66 19.99 29.38
C GLU C 17 4.41 18.81 28.43
N LEU C 18 5.41 18.51 27.59
CA LEU C 18 5.28 17.42 26.62
C LEU C 18 5.56 16.04 27.16
N ARG C 19 4.72 15.09 26.76
CA ARG C 19 4.89 13.70 27.13
C ARG C 19 5.29 12.99 25.84
N ILE C 20 6.46 12.37 25.86
CA ILE C 20 6.97 11.70 24.68
C ILE C 20 7.13 10.20 24.87
N LEU C 21 6.75 9.45 23.84
CA LEU C 21 6.90 8.01 23.91
C LEU C 21 7.99 7.58 22.92
N ILE C 22 8.82 6.62 23.34
CA ILE C 22 9.88 6.11 22.48
C ILE C 22 9.83 4.61 22.51
N VAL C 23 9.50 4.00 21.38
CA VAL C 23 9.49 2.55 21.29
C VAL C 23 10.66 2.21 20.37
N HIS C 24 11.47 1.22 20.76
CA HIS C 24 12.59 0.82 19.94
C HIS C 24 12.70 -0.69 19.94
N ALA C 25 13.21 -1.25 18.84
CA ALA C 25 13.33 -2.69 18.75
C ALA C 25 14.67 -3.07 19.37
N ARG C 26 14.94 -4.35 19.48
CA ARG C 26 16.19 -4.76 20.10
C ARG C 26 17.22 -5.43 19.19
N TYR C 27 16.90 -5.61 17.89
CA TYR C 27 17.87 -6.17 16.96
C TYR C 27 18.93 -5.10 16.72
N ASN C 28 20.16 -5.50 16.46
CA ASN C 28 21.22 -4.54 16.20
C ASN C 28 21.28 -3.51 17.31
N LEU C 29 21.14 -4.00 18.52
CA LEU C 29 21.16 -3.18 19.71
C LEU C 29 22.35 -2.23 19.82
N GLN C 30 23.46 -2.58 19.17
CA GLN C 30 24.66 -1.75 19.21
C GLN C 30 24.46 -0.41 18.53
N ALA C 31 23.48 -0.34 17.62
CA ALA C 31 23.21 0.91 16.90
C ALA C 31 22.02 1.59 17.55
N ILE C 32 21.10 0.80 18.08
CA ILE C 32 19.90 1.29 18.74
C ILE C 32 20.20 2.22 19.91
N GLU C 33 21.00 1.73 20.85
CA GLU C 33 21.33 2.52 22.03
C GLU C 33 21.79 3.95 21.81
N PRO C 34 22.83 4.14 20.98
CA PRO C 34 23.30 5.51 20.73
C PRO C 34 22.15 6.41 20.22
N LEU C 35 21.28 5.82 19.41
CA LEU C 35 20.15 6.54 18.82
C LEU C 35 19.17 7.00 19.88
N VAL C 36 18.76 6.07 20.75
CA VAL C 36 17.84 6.38 21.83
C VAL C 36 18.46 7.48 22.69
N LYS C 37 19.70 7.27 23.11
CA LYS C 37 20.41 8.26 23.92
C LYS C 37 20.35 9.63 23.29
N GLY C 38 20.85 9.76 22.06
CA GLY C 38 20.84 11.05 21.40
C GLY C 38 19.46 11.68 21.39
N ALA C 39 18.45 10.87 21.18
CA ALA C 39 17.09 11.37 21.14
C ALA C 39 16.69 11.95 22.51
N VAL C 40 16.96 11.19 23.56
CA VAL C 40 16.64 11.65 24.91
C VAL C 40 17.48 12.86 25.30
N GLU C 41 18.80 12.74 25.22
CA GLU C 41 19.65 13.88 25.56
C GLU C 41 19.19 15.14 24.85
N THR C 42 19.02 15.09 23.54
CA THR C 42 18.60 16.29 22.82
C THR C 42 17.29 16.89 23.33
N MET C 43 16.28 16.06 23.52
CA MET C 43 15.00 16.55 24.01
C MET C 43 15.18 17.30 25.33
N ILE C 44 15.89 16.66 26.26
CA ILE C 44 16.17 17.27 27.56
C ILE C 44 17.08 18.50 27.40
N GLU C 45 18.36 18.27 27.20
CA GLU C 45 19.32 19.34 27.05
C GLU C 45 18.93 20.52 26.16
N LYS C 46 18.22 20.28 25.05
CA LYS C 46 17.88 21.41 24.18
C LYS C 46 16.44 21.88 24.14
N HIS C 47 15.50 21.04 24.54
CA HIS C 47 14.12 21.49 24.47
C HIS C 47 13.39 21.54 25.80
N ASP C 48 14.12 21.23 26.87
CA ASP C 48 13.59 21.28 28.21
C ASP C 48 12.47 20.29 28.47
N VAL C 49 12.68 19.06 28.04
CA VAL C 49 11.68 18.03 28.26
C VAL C 49 12.02 17.37 29.58
N LYS C 50 11.02 17.04 30.38
CA LYS C 50 11.29 16.43 31.67
C LYS C 50 11.49 14.92 31.57
N LEU C 51 12.61 14.45 32.09
CA LEU C 51 12.92 13.03 32.04
C LEU C 51 11.75 12.14 32.45
N GLU C 52 10.97 12.58 33.43
CA GLU C 52 9.82 11.79 33.91
C GLU C 52 8.72 11.74 32.85
N ASN C 53 8.78 12.68 31.92
CA ASN C 53 7.78 12.78 30.85
C ASN C 53 8.17 12.06 29.56
N ILE C 54 9.14 11.16 29.66
CA ILE C 54 9.62 10.40 28.50
C ILE C 54 9.54 8.91 28.79
N ASP C 55 8.58 8.23 28.18
CA ASP C 55 8.46 6.80 28.39
C ASP C 55 9.29 6.07 27.34
N ILE C 56 9.94 5.00 27.73
CA ILE C 56 10.74 4.24 26.79
C ILE C 56 10.40 2.77 26.85
N GLU C 57 9.59 2.32 25.91
CA GLU C 57 9.19 0.92 25.83
C GLU C 57 10.03 0.28 24.72
N SER C 58 10.02 -1.05 24.64
CA SER C 58 10.77 -1.73 23.60
C SER C 58 10.07 -2.99 23.12
N VAL C 59 10.40 -3.43 21.92
CA VAL C 59 9.82 -4.63 21.32
C VAL C 59 10.94 -5.44 20.72
N PRO C 60 10.67 -6.70 20.34
CA PRO C 60 11.66 -7.60 19.74
C PRO C 60 12.28 -6.97 18.49
N GLY C 61 11.53 -6.92 17.40
CA GLY C 61 12.07 -6.38 16.16
C GLY C 61 11.26 -5.27 15.53
N SER C 62 11.78 -4.70 14.45
CA SER C 62 11.13 -3.61 13.74
C SER C 62 9.70 -3.92 13.33
N TRP C 63 9.44 -5.19 13.03
CA TRP C 63 8.10 -5.57 12.63
C TRP C 63 7.10 -5.22 13.71
N GLU C 64 7.52 -5.33 14.96
CA GLU C 64 6.63 -5.04 16.08
C GLU C 64 6.48 -3.56 16.43
N LEU C 65 7.29 -2.70 15.84
CA LEU C 65 7.18 -1.27 16.13
C LEU C 65 5.78 -0.68 15.98
N PRO C 66 5.14 -0.83 14.80
CA PRO C 66 3.80 -0.26 14.65
C PRO C 66 2.83 -0.80 15.70
N GLN C 67 2.85 -2.11 15.91
CA GLN C 67 1.96 -2.75 16.85
C GLN C 67 2.22 -2.31 18.27
N GLY C 68 3.49 -2.15 18.64
CA GLY C 68 3.81 -1.72 19.98
C GLY C 68 3.34 -0.30 20.22
N ILE C 69 3.55 0.56 19.23
CA ILE C 69 3.13 1.95 19.35
C ILE C 69 1.61 2.03 19.46
N ARG C 70 0.90 1.31 18.60
CA ARG C 70 -0.55 1.35 18.65
C ARG C 70 -1.02 1.02 20.06
N ALA C 71 -0.53 -0.09 20.60
CA ALA C 71 -0.90 -0.50 21.94
C ALA C 71 -0.66 0.63 22.93
N SER C 72 0.57 1.09 23.04
CA SER C 72 0.88 2.17 23.97
C SER C 72 0.04 3.42 23.75
N ILE C 73 -0.14 3.83 22.50
CA ILE C 73 -0.94 5.01 22.17
C ILE C 73 -2.35 4.91 22.77
N ALA C 74 -2.82 3.67 22.96
CA ALA C 74 -4.16 3.44 23.50
C ALA C 74 -4.16 3.51 25.03
N ARG C 75 -3.15 2.92 25.67
CA ARG C 75 -3.03 2.92 27.13
C ARG C 75 -2.94 4.33 27.71
N ASN C 76 -1.92 5.09 27.30
CA ASN C 76 -1.75 6.43 27.84
C ASN C 76 -1.89 7.49 26.79
N THR C 77 -1.47 8.70 27.13
CA THR C 77 -1.56 9.81 26.21
C THR C 77 -0.20 10.47 26.05
N TYR C 78 0.21 10.64 24.79
CA TYR C 78 1.49 11.24 24.48
C TYR C 78 1.27 12.34 23.48
N ASP C 79 2.23 13.24 23.37
CA ASP C 79 2.13 14.33 22.44
C ASP C 79 2.85 13.98 21.16
N ALA C 80 3.79 13.05 21.27
CA ALA C 80 4.56 12.61 20.12
C ALA C 80 5.24 11.30 20.47
N VAL C 81 5.51 10.49 19.45
CA VAL C 81 6.17 9.22 19.67
C VAL C 81 7.23 9.03 18.62
N ILE C 82 8.30 8.34 19.00
CA ILE C 82 9.42 8.06 18.12
C ILE C 82 9.61 6.55 17.96
N GLY C 83 9.53 6.07 16.72
CA GLY C 83 9.73 4.64 16.46
C GLY C 83 11.18 4.44 16.05
N ILE C 84 11.91 3.61 16.76
CA ILE C 84 13.30 3.41 16.43
C ILE C 84 13.65 1.96 16.20
N GLY C 85 14.35 1.72 15.09
CA GLY C 85 14.77 0.37 14.76
C GLY C 85 15.75 0.38 13.62
N VAL C 86 16.53 -0.69 13.45
CA VAL C 86 17.44 -0.70 12.32
C VAL C 86 17.38 -2.04 11.60
N LEU C 87 17.08 -1.97 10.31
CA LEU C 87 17.00 -3.16 9.47
C LEU C 87 18.22 -3.19 8.56
N ILE C 88 18.88 -4.34 8.52
CA ILE C 88 20.07 -4.51 7.70
C ILE C 88 19.80 -5.54 6.62
N LYS C 89 20.19 -5.22 5.39
CA LYS C 89 20.03 -6.11 4.25
C LYS C 89 20.74 -7.45 4.48
N GLY C 90 20.03 -8.55 4.26
CA GLY C 90 20.64 -9.87 4.43
C GLY C 90 20.71 -10.60 3.08
N SER C 91 20.65 -11.92 3.11
CA SER C 91 20.74 -12.68 1.88
C SER C 91 19.45 -12.85 1.13
N THR C 92 18.32 -12.68 1.82
CA THR C 92 17.01 -12.84 1.20
C THR C 92 16.31 -11.50 0.96
N MET C 93 15.07 -11.56 0.49
CA MET C 93 14.27 -10.37 0.20
C MET C 93 13.52 -9.88 1.43
N HIS C 94 13.73 -10.59 2.53
CA HIS C 94 13.09 -10.28 3.79
C HIS C 94 13.22 -8.80 4.14
N PHE C 95 14.44 -8.29 4.03
CA PHE C 95 14.71 -6.90 4.33
C PHE C 95 13.79 -5.93 3.59
N GLU C 96 13.67 -6.11 2.29
CA GLU C 96 12.84 -5.24 1.49
C GLU C 96 11.39 -5.27 1.95
N TYR C 97 10.84 -6.46 2.18
CA TYR C 97 9.44 -6.56 2.57
C TYR C 97 9.11 -6.07 3.97
N ILE C 98 9.95 -6.37 4.96
CA ILE C 98 9.70 -5.88 6.32
C ILE C 98 9.75 -4.34 6.26
N SER C 99 10.80 -3.82 5.62
CA SER C 99 10.98 -2.39 5.51
C SER C 99 9.76 -1.66 5.00
N GLU C 100 9.30 -2.10 3.83
CA GLU C 100 8.15 -1.48 3.22
C GLU C 100 6.93 -1.55 4.13
N ALA C 101 6.69 -2.72 4.70
CA ALA C 101 5.54 -2.90 5.57
C ALA C 101 5.61 -2.08 6.85
N VAL C 102 6.78 -2.04 7.48
CA VAL C 102 6.92 -1.30 8.71
C VAL C 102 6.75 0.19 8.49
N VAL C 103 7.35 0.72 7.42
CA VAL C 103 7.23 2.14 7.14
C VAL C 103 5.78 2.51 6.86
N HIS C 104 5.07 1.69 6.10
CA HIS C 104 3.67 1.99 5.84
C HIS C 104 2.91 1.92 7.15
N GLY C 105 3.24 0.94 7.99
CA GLY C 105 2.57 0.77 9.28
C GLY C 105 2.68 1.96 10.22
N LEU C 106 3.89 2.47 10.38
CA LEU C 106 4.12 3.62 11.25
C LEU C 106 3.31 4.82 10.76
N MET C 107 3.33 5.05 9.45
CA MET C 107 2.58 6.14 8.88
C MET C 107 1.10 5.96 9.20
N ARG C 108 0.59 4.74 9.08
CA ARG C 108 -0.81 4.50 9.37
C ARG C 108 -1.14 4.78 10.83
N VAL C 109 -0.37 4.21 11.75
CA VAL C 109 -0.62 4.43 13.16
C VAL C 109 -0.67 5.91 13.50
N GLY C 110 0.19 6.70 12.86
CA GLY C 110 0.20 8.12 13.11
C GLY C 110 -1.04 8.80 12.56
N LEU C 111 -1.39 8.53 11.31
CA LEU C 111 -2.56 9.13 10.68
C LEU C 111 -3.87 8.67 11.30
N ASP C 112 -3.94 7.46 11.82
CA ASP C 112 -5.19 7.00 12.42
C ASP C 112 -5.35 7.64 13.79
N SER C 113 -4.29 7.63 14.57
CA SER C 113 -4.33 8.14 15.93
C SER C 113 -4.34 9.63 16.07
N GLY C 114 -3.76 10.33 15.11
CA GLY C 114 -3.69 11.76 15.22
C GLY C 114 -2.47 12.17 16.04
N VAL C 115 -1.72 11.17 16.52
CA VAL C 115 -0.51 11.43 17.30
C VAL C 115 0.70 11.40 16.36
N PRO C 116 1.54 12.44 16.39
CA PRO C 116 2.73 12.51 15.53
C PRO C 116 3.66 11.34 15.77
N VAL C 117 4.10 10.71 14.69
CA VAL C 117 5.01 9.57 14.80
C VAL C 117 6.26 9.91 14.03
N ILE C 118 7.38 9.96 14.74
CA ILE C 118 8.68 10.28 14.15
C ILE C 118 9.37 9.00 13.69
N LEU C 119 9.87 9.03 12.47
CA LEU C 119 10.53 7.87 11.91
C LEU C 119 12.00 7.76 12.30
N GLY C 120 12.29 6.82 13.19
CA GLY C 120 13.66 6.60 13.62
C GLY C 120 14.07 5.21 13.17
N LEU C 121 13.71 4.89 11.93
CA LEU C 121 14.00 3.60 11.30
C LEU C 121 15.17 3.70 10.34
N LEU C 122 16.20 2.89 10.54
CA LEU C 122 17.34 2.92 9.61
C LEU C 122 17.21 1.65 8.80
N THR C 123 17.26 1.80 7.47
CA THR C 123 17.16 0.68 6.53
C THR C 123 18.47 0.74 5.75
N VAL C 124 19.47 0.02 6.26
CA VAL C 124 20.82 0.04 5.69
C VAL C 124 21.31 -1.24 5.03
N LEU C 125 22.42 -1.14 4.31
CA LEU C 125 23.01 -2.28 3.62
C LEU C 125 23.94 -3.07 4.54
N ASN C 126 24.53 -2.40 5.52
CA ASN C 126 25.44 -3.06 6.45
C ASN C 126 25.54 -2.33 7.78
N GLU C 127 25.99 -3.06 8.81
CA GLU C 127 26.11 -2.51 10.14
C GLU C 127 26.88 -1.18 10.19
N GLU C 128 27.91 -1.05 9.37
CA GLU C 128 28.70 0.16 9.38
C GLU C 128 27.82 1.37 9.09
N GLN C 129 26.99 1.27 8.06
CA GLN C 129 26.13 2.39 7.72
C GLN C 129 25.25 2.79 8.90
N ALA C 130 24.84 1.80 9.68
CA ALA C 130 23.98 2.04 10.82
C ALA C 130 24.72 2.82 11.90
N LEU C 131 25.86 2.29 12.32
CA LEU C 131 26.66 2.93 13.35
C LEU C 131 27.02 4.35 12.96
N TYR C 132 27.32 4.55 11.70
CA TYR C 132 27.68 5.87 11.22
C TYR C 132 26.53 6.85 11.46
N ARG C 133 25.30 6.41 11.22
CA ARG C 133 24.17 7.29 11.40
C ARG C 133 23.76 7.38 12.87
N ALA C 134 24.41 6.57 13.70
CA ALA C 134 24.16 6.59 15.13
C ALA C 134 25.23 7.46 15.80
N GLY C 135 26.00 8.19 15.00
CA GLY C 135 27.03 9.04 15.56
C GLY C 135 28.42 8.46 15.76
N LEU C 136 28.62 7.17 15.54
CA LEU C 136 29.94 6.57 15.72
C LEU C 136 30.79 6.77 14.47
N ASN C 137 32.07 6.44 14.58
CA ASN C 137 33.02 6.53 13.47
C ASN C 137 32.96 7.80 12.60
N GLY C 138 32.78 8.94 13.25
CA GLY C 138 32.76 10.20 12.51
C GLY C 138 31.42 10.68 12.00
N GLY C 139 30.36 9.91 12.22
CA GLY C 139 29.07 10.32 11.73
C GLY C 139 28.26 11.17 12.68
N HIS C 140 27.14 11.68 12.21
CA HIS C 140 26.21 12.50 12.96
C HIS C 140 25.09 11.63 13.56
N ASN C 141 24.83 11.74 14.86
CA ASN C 141 23.76 10.94 15.47
C ASN C 141 22.39 11.47 15.06
N HIS C 142 21.65 10.66 14.31
CA HIS C 142 20.32 11.02 13.84
C HIS C 142 19.26 11.03 14.92
N GLY C 143 19.53 10.35 16.04
CA GLY C 143 18.58 10.33 17.14
C GLY C 143 18.35 11.77 17.63
N ASN C 144 19.36 12.61 17.50
CA ASN C 144 19.23 13.99 17.90
C ASN C 144 18.15 14.65 17.05
N ASP C 145 18.27 14.51 15.75
CA ASP C 145 17.29 15.10 14.84
C ASP C 145 15.90 14.63 15.17
N TRP C 146 15.77 13.35 15.49
CA TRP C 146 14.48 12.79 15.80
C TRP C 146 13.91 13.42 17.05
N GLY C 147 14.78 13.64 18.05
CA GLY C 147 14.35 14.27 19.28
C GLY C 147 13.73 15.62 19.01
N SER C 148 14.45 16.50 18.32
CA SER C 148 13.92 17.81 18.02
C SER C 148 12.64 17.72 17.24
N ALA C 149 12.55 16.76 16.32
CA ALA C 149 11.36 16.59 15.49
C ALA C 149 10.16 16.22 16.35
N ALA C 150 10.40 15.33 17.33
CA ALA C 150 9.33 14.90 18.20
C ALA C 150 8.78 16.13 18.92
N VAL C 151 9.67 16.94 19.47
CA VAL C 151 9.26 18.12 20.20
C VAL C 151 8.47 19.07 19.32
N GLU C 152 8.97 19.39 18.15
CA GLU C 152 8.27 20.30 17.26
C GLU C 152 6.89 19.79 16.89
N MET C 153 6.80 18.54 16.44
CA MET C 153 5.51 17.99 16.06
C MET C 153 4.54 17.94 17.24
N GLY C 154 5.07 17.65 18.43
CA GLY C 154 4.22 17.59 19.61
C GLY C 154 3.55 18.94 19.88
N LEU C 155 4.33 20.02 19.89
CA LEU C 155 3.77 21.34 20.14
C LEU C 155 2.77 21.70 19.07
N LYS C 156 3.17 21.61 17.81
CA LYS C 156 2.24 21.97 16.74
C LYS C 156 0.95 21.15 16.79
N ALA C 157 0.98 20.00 17.46
CA ALA C 157 -0.20 19.16 17.57
C ALA C 157 -1.22 19.86 18.46
N LEU C 158 -0.74 20.51 19.52
CA LEU C 158 -1.59 21.24 20.46
C LEU C 158 -2.10 22.56 19.85
N LEU D 13 -8.29 31.06 -14.61
CA LEU D 13 -9.06 30.79 -13.37
C LEU D 13 -8.59 31.69 -12.22
N LYS D 14 -9.55 32.30 -11.53
CA LYS D 14 -9.24 33.19 -10.40
C LYS D 14 -9.99 32.71 -9.18
N GLY D 15 -9.37 32.83 -8.02
CA GLY D 15 -10.03 32.38 -6.81
C GLY D 15 -9.77 33.33 -5.64
N PRO D 16 -10.43 34.49 -5.63
CA PRO D 16 -10.25 35.47 -4.56
C PRO D 16 -10.77 34.95 -3.21
N GLU D 17 -11.83 34.15 -3.24
CA GLU D 17 -12.41 33.62 -2.01
C GLU D 17 -11.75 32.32 -1.54
N LEU D 18 -10.66 31.91 -2.18
CA LEU D 18 -9.99 30.67 -1.81
C LEU D 18 -9.02 30.79 -0.66
N ARG D 19 -9.04 29.79 0.20
CA ARG D 19 -8.13 29.71 1.33
C ARG D 19 -7.20 28.52 1.01
N ILE D 20 -5.92 28.81 0.92
CA ILE D 20 -4.94 27.78 0.58
C ILE D 20 -3.95 27.51 1.70
N LEU D 21 -3.65 26.23 1.92
CA LEU D 21 -2.69 25.87 2.92
C LEU D 21 -1.42 25.33 2.24
N ILE D 22 -0.26 25.72 2.74
CA ILE D 22 0.99 25.25 2.20
C ILE D 22 1.86 24.75 3.32
N VAL D 23 2.11 23.45 3.36
CA VAL D 23 3.00 22.90 4.38
C VAL D 23 4.26 22.45 3.63
N HIS D 24 5.42 22.81 4.16
CA HIS D 24 6.67 22.41 3.52
C HIS D 24 7.67 21.95 4.55
N ALA D 25 8.53 21.03 4.18
CA ALA D 25 9.52 20.54 5.13
C ALA D 25 10.71 21.48 5.10
N ARG D 26 11.69 21.24 5.96
CA ARG D 26 12.84 22.12 5.99
C ARG D 26 14.18 21.53 5.54
N TYR D 27 14.20 20.27 5.15
CA TYR D 27 15.43 19.67 4.63
C TYR D 27 15.67 20.23 3.23
N ASN D 28 16.92 20.38 2.83
CA ASN D 28 17.22 20.90 1.50
C ASN D 28 16.47 22.21 1.27
N LEU D 29 16.50 23.05 2.31
CA LEU D 29 15.84 24.34 2.31
C LEU D 29 16.19 25.21 1.09
N GLN D 30 17.37 24.98 0.52
CA GLN D 30 17.81 25.77 -0.64
C GLN D 30 16.94 25.54 -1.86
N ALA D 31 16.25 24.41 -1.90
CA ALA D 31 15.38 24.09 -3.02
C ALA D 31 13.93 24.39 -2.67
N ILE D 32 13.62 24.23 -1.38
CA ILE D 32 12.29 24.47 -0.86
C ILE D 32 11.81 25.90 -1.10
N GLU D 33 12.61 26.86 -0.63
CA GLU D 33 12.23 28.26 -0.77
C GLU D 33 11.77 28.70 -2.16
N PRO D 34 12.61 28.51 -3.17
CA PRO D 34 12.19 28.92 -4.52
C PRO D 34 10.82 28.32 -4.89
N LEU D 35 10.60 27.08 -4.47
CA LEU D 35 9.35 26.38 -4.76
C LEU D 35 8.15 27.05 -4.12
N VAL D 36 8.27 27.31 -2.82
CA VAL D 36 7.19 27.95 -2.08
C VAL D 36 6.89 29.30 -2.73
N LYS D 37 7.94 30.11 -2.94
CA LYS D 37 7.79 31.42 -3.58
C LYS D 37 6.99 31.30 -4.87
N GLY D 38 7.50 30.51 -5.82
CA GLY D 38 6.81 30.36 -7.09
C GLY D 38 5.35 30.01 -6.90
N ALA D 39 5.06 29.12 -5.95
CA ALA D 39 3.70 28.71 -5.69
C ALA D 39 2.86 29.91 -5.26
N VAL D 40 3.36 30.66 -4.28
CA VAL D 40 2.64 31.83 -3.78
C VAL D 40 2.52 32.90 -4.88
N GLU D 41 3.64 33.32 -5.44
CA GLU D 41 3.61 34.34 -6.50
C GLU D 41 2.58 33.98 -7.57
N THR D 42 2.66 32.77 -8.10
CA THR D 42 1.71 32.39 -9.15
C THR D 42 0.26 32.50 -8.70
N MET D 43 -0.05 32.01 -7.50
CA MET D 43 -1.44 32.06 -7.05
C MET D 43 -1.94 33.48 -7.01
N ILE D 44 -1.14 34.36 -6.42
CA ILE D 44 -1.48 35.78 -6.33
C ILE D 44 -1.49 36.42 -7.74
N GLU D 45 -0.29 36.68 -8.26
CA GLU D 45 -0.14 37.29 -9.57
C GLU D 45 -1.04 36.75 -10.69
N LYS D 46 -1.29 35.44 -10.76
CA LYS D 46 -2.11 34.92 -11.85
C LYS D 46 -3.53 34.47 -11.53
N HIS D 47 -3.83 34.16 -10.27
CA HIS D 47 -5.18 33.69 -9.99
C HIS D 47 -5.98 34.57 -9.02
N ASP D 48 -5.36 35.67 -8.60
CA ASP D 48 -6.00 36.63 -7.72
C ASP D 48 -6.32 36.06 -6.34
N VAL D 49 -5.34 35.38 -5.75
CA VAL D 49 -5.55 34.82 -4.43
C VAL D 49 -5.06 35.89 -3.45
N LYS D 50 -5.76 36.06 -2.34
CA LYS D 50 -5.36 37.06 -1.37
C LYS D 50 -4.30 36.55 -0.42
N LEU D 51 -3.19 37.28 -0.36
CA LEU D 51 -2.08 36.89 0.50
C LEU D 51 -2.52 36.49 1.91
N GLU D 52 -3.54 37.15 2.45
CA GLU D 52 -4.01 36.84 3.80
C GLU D 52 -4.69 35.48 3.81
N ASN D 53 -5.11 35.02 2.63
CA ASN D 53 -5.80 33.74 2.50
C ASN D 53 -4.89 32.56 2.20
N ILE D 54 -3.60 32.73 2.46
CA ILE D 54 -2.61 31.70 2.20
C ILE D 54 -1.81 31.40 3.45
N ASP D 55 -2.10 30.28 4.12
CA ASP D 55 -1.35 29.93 5.31
C ASP D 55 -0.13 29.14 4.94
N ILE D 56 0.98 29.39 5.61
CA ILE D 56 2.20 28.66 5.32
C ILE D 56 2.81 28.08 6.57
N GLU D 57 2.57 26.79 6.81
CA GLU D 57 3.13 26.13 7.97
C GLU D 57 4.33 25.30 7.50
N SER D 58 5.11 24.76 8.42
CA SER D 58 6.25 23.95 8.04
C SER D 58 6.54 22.85 9.06
N VAL D 59 7.21 21.79 8.61
CA VAL D 59 7.56 20.66 9.47
C VAL D 59 9.01 20.32 9.23
N PRO D 60 9.60 19.48 10.08
CA PRO D 60 11.01 19.08 9.97
C PRO D 60 11.33 18.48 8.59
N GLY D 61 10.86 17.25 8.36
CA GLY D 61 11.13 16.60 7.09
C GLY D 61 9.90 16.10 6.35
N SER D 62 10.12 15.59 5.14
CA SER D 62 9.03 15.08 4.30
C SER D 62 8.16 14.04 5.01
N TRP D 63 8.77 13.25 5.89
CA TRP D 63 8.00 12.26 6.59
C TRP D 63 6.83 12.89 7.34
N GLU D 64 7.05 14.10 7.86
CA GLU D 64 6.03 14.80 8.62
C GLU D 64 4.95 15.52 7.79
N LEU D 65 5.18 15.64 6.49
CA LEU D 65 4.19 16.30 5.65
C LEU D 65 2.76 15.78 5.81
N PRO D 66 2.53 14.47 5.64
CA PRO D 66 1.15 14.00 5.79
C PRO D 66 0.55 14.33 7.15
N GLN D 67 1.33 14.09 8.20
CA GLN D 67 0.88 14.32 9.55
C GLN D 67 0.61 15.81 9.79
N GLY D 68 1.49 16.67 9.28
CA GLY D 68 1.28 18.10 9.47
C GLY D 68 0.01 18.58 8.78
N ILE D 69 -0.18 18.14 7.55
CA ILE D 69 -1.38 18.51 6.80
C ILE D 69 -2.63 17.99 7.52
N ARG D 70 -2.63 16.74 7.95
CA ARG D 70 -3.80 16.20 8.63
C ARG D 70 -4.18 17.12 9.80
N ALA D 71 -3.20 17.42 10.65
CA ALA D 71 -3.43 18.28 11.79
C ALA D 71 -4.06 19.60 11.38
N SER D 72 -3.39 20.34 10.49
CA SER D 72 -3.91 21.61 10.04
C SER D 72 -5.30 21.50 9.38
N ILE D 73 -5.51 20.50 8.54
CA ILE D 73 -6.81 20.29 7.89
C ILE D 73 -7.93 20.18 8.93
N ALA D 74 -7.60 19.73 10.15
CA ALA D 74 -8.59 19.59 11.21
C ALA D 74 -8.84 20.93 11.93
N ARG D 75 -7.78 21.68 12.20
CA ARG D 75 -7.89 22.97 12.87
C ARG D 75 -8.77 23.96 12.10
N ASN D 76 -8.36 24.30 10.88
CA ASN D 76 -9.10 25.27 10.09
C ASN D 76 -9.71 24.66 8.86
N THR D 77 -10.13 25.53 7.94
CA THR D 77 -10.74 25.05 6.71
C THR D 77 -10.05 25.66 5.51
N TYR D 78 -9.64 24.81 4.59
CA TYR D 78 -8.96 25.27 3.38
C TYR D 78 -9.64 24.68 2.18
N ASP D 79 -9.40 25.30 1.02
CA ASP D 79 -10.02 24.81 -0.19
C ASP D 79 -9.08 23.89 -0.92
N ALA D 80 -7.79 24.03 -0.61
CA ALA D 80 -6.77 23.22 -1.22
C ALA D 80 -5.50 23.36 -0.40
N VAL D 81 -4.67 22.33 -0.45
CA VAL D 81 -3.41 22.37 0.29
C VAL D 81 -2.29 21.84 -0.60
N ILE D 82 -1.09 22.37 -0.41
CA ILE D 82 0.07 21.95 -1.19
C ILE D 82 1.15 21.41 -0.25
N GLY D 83 1.57 20.17 -0.50
CA GLY D 83 2.62 19.55 0.32
C GLY D 83 3.92 19.71 -0.41
N ILE D 84 4.91 20.34 0.21
CA ILE D 84 6.17 20.55 -0.47
C ILE D 84 7.35 20.02 0.30
N GLY D 85 8.21 19.29 -0.40
CA GLY D 85 9.41 18.74 0.22
C GLY D 85 10.32 18.17 -0.84
N VAL D 86 11.58 17.94 -0.50
CA VAL D 86 12.45 17.34 -1.48
C VAL D 86 13.31 16.27 -0.84
N LEU D 87 13.21 15.06 -1.38
CA LEU D 87 13.96 13.91 -0.89
C LEU D 87 15.07 13.62 -1.88
N ILE D 88 16.28 13.47 -1.38
CA ILE D 88 17.45 13.19 -2.21
C ILE D 88 18.03 11.82 -1.90
N LYS D 89 18.28 11.03 -2.94
CA LYS D 89 18.85 9.69 -2.78
C LYS D 89 20.17 9.75 -2.02
N GLY D 90 20.31 8.92 -1.00
CA GLY D 90 21.55 8.87 -0.23
C GLY D 90 22.24 7.51 -0.41
N SER D 91 23.00 7.07 0.59
CA SER D 91 23.69 5.81 0.49
C SER D 91 22.88 4.59 0.83
N THR D 92 21.80 4.77 1.58
CA THR D 92 20.95 3.65 2.00
C THR D 92 19.64 3.60 1.22
N MET D 93 18.75 2.68 1.62
CA MET D 93 17.44 2.51 0.98
C MET D 93 16.40 3.45 1.58
N HIS D 94 16.82 4.22 2.57
CA HIS D 94 15.95 5.14 3.26
C HIS D 94 15.12 6.00 2.32
N PHE D 95 15.78 6.55 1.31
CA PHE D 95 15.13 7.38 0.32
C PHE D 95 13.94 6.69 -0.31
N GLU D 96 14.14 5.48 -0.79
CA GLU D 96 13.05 4.74 -1.43
C GLU D 96 11.86 4.56 -0.51
N TYR D 97 12.11 4.12 0.73
CA TYR D 97 11.02 3.87 1.66
C TYR D 97 10.28 5.11 2.16
N ILE D 98 10.98 6.18 2.50
CA ILE D 98 10.30 7.39 2.92
C ILE D 98 9.43 7.86 1.75
N SER D 99 10.02 7.92 0.57
CA SER D 99 9.33 8.37 -0.64
C SER D 99 8.01 7.68 -0.87
N GLU D 100 8.05 6.36 -0.90
CA GLU D 100 6.85 5.59 -1.12
C GLU D 100 5.82 5.87 -0.02
N ALA D 101 6.25 5.83 1.24
CA ALA D 101 5.33 6.07 2.34
C ALA D 101 4.72 7.48 2.33
N VAL D 102 5.53 8.49 2.07
CA VAL D 102 5.03 9.84 2.06
C VAL D 102 4.02 10.06 0.95
N VAL D 103 4.34 9.59 -0.25
CA VAL D 103 3.42 9.78 -1.35
C VAL D 103 2.10 9.06 -1.09
N HIS D 104 2.14 7.86 -0.53
CA HIS D 104 0.89 7.17 -0.24
C HIS D 104 0.14 7.97 0.83
N GLY D 105 0.89 8.49 1.81
CA GLY D 105 0.30 9.26 2.89
C GLY D 105 -0.48 10.49 2.45
N LEU D 106 0.14 11.28 1.59
CA LEU D 106 -0.49 12.50 1.08
C LEU D 106 -1.78 12.13 0.34
N MET D 107 -1.71 11.11 -0.50
CA MET D 107 -2.88 10.68 -1.24
C MET D 107 -3.99 10.29 -0.26
N ARG D 108 -3.64 9.62 0.81
CA ARG D 108 -4.64 9.22 1.81
C ARG D 108 -5.29 10.42 2.49
N VAL D 109 -4.45 11.33 3.01
CA VAL D 109 -4.97 12.51 3.68
C VAL D 109 -5.94 13.26 2.79
N GLY D 110 -5.64 13.32 1.50
CA GLY D 110 -6.51 14.00 0.58
C GLY D 110 -7.83 13.26 0.40
N LEU D 111 -7.76 11.97 0.13
CA LEU D 111 -8.98 11.17 -0.07
C LEU D 111 -9.83 11.04 1.17
N ASP D 112 -9.21 11.03 2.34
CA ASP D 112 -10.00 10.90 3.57
C ASP D 112 -10.71 12.20 3.88
N SER D 113 -9.97 13.30 3.76
CA SER D 113 -10.49 14.61 4.09
C SER D 113 -11.40 15.22 3.08
N GLY D 114 -11.23 14.87 1.81
CA GLY D 114 -12.07 15.47 0.79
C GLY D 114 -11.46 16.78 0.34
N VAL D 115 -10.34 17.15 0.95
CA VAL D 115 -9.66 18.39 0.57
C VAL D 115 -8.58 18.06 -0.44
N PRO D 116 -8.54 18.78 -1.56
CA PRO D 116 -7.52 18.54 -2.59
C PRO D 116 -6.12 18.73 -2.05
N VAL D 117 -5.23 17.77 -2.31
CA VAL D 117 -3.85 17.86 -1.87
C VAL D 117 -2.96 17.81 -3.08
N ILE D 118 -2.22 18.89 -3.30
CA ILE D 118 -1.31 19.00 -4.44
C ILE D 118 0.08 18.48 -4.05
N LEU D 119 0.64 17.64 -4.92
CA LEU D 119 1.93 17.05 -4.66
C LEU D 119 3.08 17.94 -5.09
N GLY D 120 3.78 18.49 -4.11
CA GLY D 120 4.92 19.35 -4.38
C GLY D 120 6.13 18.67 -3.78
N LEU D 121 6.21 17.36 -4.02
CA LEU D 121 7.30 16.52 -3.52
C LEU D 121 8.29 16.21 -4.63
N LEU D 122 9.56 16.48 -4.39
CA LEU D 122 10.56 16.16 -5.40
C LEU D 122 11.36 14.99 -4.85
N THR D 123 11.48 13.93 -5.66
CA THR D 123 12.22 12.73 -5.26
C THR D 123 13.31 12.61 -6.31
N VAL D 124 14.45 13.21 -6.01
CA VAL D 124 15.59 13.29 -6.92
C VAL D 124 16.84 12.50 -6.53
N LEU D 125 17.74 12.34 -7.50
CA LEU D 125 19.00 11.63 -7.28
C LEU D 125 20.06 12.53 -6.69
N ASN D 126 19.99 13.82 -6.96
CA ASN D 126 20.99 14.75 -6.44
C ASN D 126 20.44 16.16 -6.35
N GLU D 127 21.08 16.98 -5.51
CA GLU D 127 20.66 18.36 -5.29
C GLU D 127 20.44 19.16 -6.60
N GLU D 128 21.31 18.94 -7.59
CA GLU D 128 21.20 19.64 -8.86
C GLU D 128 19.83 19.44 -9.46
N GLN D 129 19.38 18.19 -9.50
CA GLN D 129 18.07 17.91 -10.09
C GLN D 129 16.98 18.70 -9.39
N ALA D 130 17.14 18.88 -8.07
CA ALA D 130 16.17 19.59 -7.28
C ALA D 130 16.13 21.06 -7.65
N LEU D 131 17.30 21.70 -7.59
CA LEU D 131 17.43 23.13 -7.92
C LEU D 131 16.89 23.41 -9.33
N TYR D 132 17.19 22.51 -10.25
CA TYR D 132 16.73 22.67 -11.60
C TYR D 132 15.20 22.73 -11.65
N ARG D 133 14.54 21.89 -10.86
CA ARG D 133 13.10 21.88 -10.88
C ARG D 133 12.50 23.00 -10.03
N ALA D 134 13.38 23.69 -9.32
CA ALA D 134 12.97 24.83 -8.50
C ALA D 134 13.19 26.14 -9.30
N GLY D 135 13.50 26.01 -10.59
CA GLY D 135 13.70 27.19 -11.42
C GLY D 135 15.12 27.73 -11.57
N LEU D 136 16.08 27.21 -10.81
CA LEU D 136 17.46 27.68 -10.92
C LEU D 136 18.18 27.02 -12.09
N ASN D 137 19.38 27.50 -12.38
CA ASN D 137 20.23 26.97 -13.46
C ASN D 137 19.54 26.62 -14.78
N GLY D 138 18.61 27.47 -15.21
CA GLY D 138 17.94 27.26 -16.48
C GLY D 138 16.67 26.43 -16.48
N GLY D 139 16.28 25.93 -15.30
CA GLY D 139 15.07 25.12 -15.23
C GLY D 139 13.78 25.90 -14.98
N HIS D 140 12.67 25.20 -15.08
CA HIS D 140 11.34 25.76 -14.85
C HIS D 140 10.90 25.51 -13.39
N ASN D 141 10.46 26.55 -12.70
CA ASN D 141 10.02 26.38 -11.32
C ASN D 141 8.68 25.67 -11.27
N HIS D 142 8.67 24.48 -10.68
CA HIS D 142 7.46 23.66 -10.58
C HIS D 142 6.47 24.16 -9.55
N GLY D 143 6.94 25.02 -8.65
CA GLY D 143 6.04 25.56 -7.64
C GLY D 143 4.94 26.34 -8.32
N ASN D 144 5.25 26.93 -9.47
CA ASN D 144 4.26 27.68 -10.22
C ASN D 144 3.14 26.73 -10.60
N ASP D 145 3.49 25.62 -11.23
CA ASP D 145 2.50 24.64 -11.65
C ASP D 145 1.62 24.21 -10.48
N TRP D 146 2.24 23.98 -9.34
CA TRP D 146 1.51 23.55 -8.17
C TRP D 146 0.51 24.61 -7.75
N GLY D 147 0.93 25.86 -7.83
CA GLY D 147 0.06 26.96 -7.46
C GLY D 147 -1.21 26.94 -8.29
N SER D 148 -1.06 26.92 -9.60
CA SER D 148 -2.23 26.90 -10.46
C SER D 148 -3.09 25.69 -10.17
N ALA D 149 -2.44 24.55 -9.90
CA ALA D 149 -3.18 23.32 -9.64
C ALA D 149 -4.01 23.45 -8.36
N ALA D 150 -3.41 24.05 -7.34
CA ALA D 150 -4.12 24.24 -6.09
C ALA D 150 -5.39 25.04 -6.38
N VAL D 151 -5.24 26.15 -7.09
CA VAL D 151 -6.38 27.00 -7.40
C VAL D 151 -7.46 26.25 -8.17
N GLU D 152 -7.09 25.56 -9.23
CA GLU D 152 -8.07 24.82 -10.02
C GLU D 152 -8.81 23.77 -9.20
N MET D 153 -8.08 22.96 -8.44
CA MET D 153 -8.72 21.92 -7.64
C MET D 153 -9.61 22.53 -6.56
N GLY D 154 -9.18 23.64 -5.99
CA GLY D 154 -9.97 24.30 -4.97
C GLY D 154 -11.34 24.70 -5.48
N LEU D 155 -11.36 25.38 -6.62
CA LEU D 155 -12.63 25.81 -7.21
C LEU D 155 -13.50 24.61 -7.52
N LYS D 156 -12.97 23.67 -8.29
CA LYS D 156 -13.77 22.50 -8.65
C LYS D 156 -14.30 21.77 -7.44
N ALA D 157 -13.66 21.95 -6.29
CA ALA D 157 -14.11 21.30 -5.06
C ALA D 157 -15.45 21.89 -4.63
N LEU D 158 -15.60 23.20 -4.83
CA LEU D 158 -16.84 23.90 -4.50
C LEU D 158 -17.97 23.59 -5.50
N LEU E 13 -23.21 -5.67 -25.88
CA LEU E 13 -23.83 -5.03 -24.68
C LEU E 13 -24.16 -3.57 -24.97
N LYS E 14 -25.37 -3.16 -24.61
CA LYS E 14 -25.82 -1.79 -24.85
C LYS E 14 -26.28 -1.20 -23.54
N GLY E 15 -26.04 0.09 -23.34
CA GLY E 15 -26.45 0.72 -22.10
C GLY E 15 -26.98 2.11 -22.33
N PRO E 16 -28.20 2.24 -22.87
CA PRO E 16 -28.81 3.55 -23.13
C PRO E 16 -29.07 4.33 -21.85
N GLU E 17 -29.43 3.61 -20.77
CA GLU E 17 -29.73 4.26 -19.49
C GLU E 17 -28.51 4.50 -18.61
N LEU E 18 -27.32 4.25 -19.15
CA LEU E 18 -26.09 4.44 -18.39
C LEU E 18 -25.56 5.86 -18.36
N ARG E 19 -25.10 6.27 -17.19
CA ARG E 19 -24.50 7.58 -17.04
C ARG E 19 -23.01 7.29 -16.77
N ILE E 20 -22.14 7.84 -17.62
CA ILE E 20 -20.72 7.59 -17.49
C ILE E 20 -19.93 8.86 -17.21
N LEU E 21 -18.95 8.76 -16.33
CA LEU E 21 -18.12 9.91 -16.03
C LEU E 21 -16.72 9.63 -16.56
N ILE E 22 -16.10 10.66 -17.12
CA ILE E 22 -14.76 10.54 -17.65
C ILE E 22 -13.93 11.70 -17.14
N VAL E 23 -12.94 11.41 -16.29
CA VAL E 23 -12.05 12.45 -15.79
C VAL E 23 -10.70 12.16 -16.44
N HIS E 24 -10.05 13.21 -16.97
CA HIS E 24 -8.76 13.04 -17.60
C HIS E 24 -7.83 14.18 -17.22
N ALA E 25 -6.55 13.91 -17.16
CA ALA E 25 -5.61 14.96 -16.80
C ALA E 25 -5.26 15.72 -18.06
N ARG E 26 -4.44 16.75 -17.94
CA ARG E 26 -4.11 17.53 -19.11
C ARG E 26 -2.65 17.49 -19.55
N TYR E 27 -1.79 16.77 -18.83
CA TYR E 27 -0.39 16.64 -19.23
C TYR E 27 -0.37 15.72 -20.44
N ASN E 28 0.58 15.92 -21.34
CA ASN E 28 0.70 15.07 -22.53
C ASN E 28 -0.65 15.00 -23.25
N LEU E 29 -1.26 16.18 -23.37
CA LEU E 29 -2.57 16.34 -23.98
C LEU E 29 -2.66 15.73 -25.38
N GLN E 30 -1.52 15.62 -26.04
CA GLN E 30 -1.49 15.07 -27.39
C GLN E 30 -1.88 13.60 -27.42
N ALA E 31 -1.72 12.91 -26.29
CA ALA E 31 -2.05 11.49 -26.22
C ALA E 31 -3.41 11.32 -25.58
N ILE E 32 -3.72 12.24 -24.66
CA ILE E 32 -5.01 12.24 -23.95
C ILE E 32 -6.21 12.31 -24.89
N GLU E 33 -6.24 13.34 -25.73
CA GLU E 33 -7.35 13.52 -26.63
C GLU E 33 -7.80 12.28 -27.42
N PRO E 34 -6.88 11.67 -28.18
CA PRO E 34 -7.28 10.49 -28.96
C PRO E 34 -7.92 9.42 -28.07
N LEU E 35 -7.42 9.28 -26.84
CA LEU E 35 -7.93 8.31 -25.89
C LEU E 35 -9.36 8.62 -25.50
N VAL E 36 -9.60 9.86 -25.06
CA VAL E 36 -10.94 10.26 -24.68
C VAL E 36 -11.89 10.02 -25.85
N LYS E 37 -11.52 10.51 -27.03
CA LYS E 37 -12.35 10.33 -28.22
C LYS E 37 -12.70 8.87 -28.41
N GLY E 38 -11.70 8.00 -28.49
CA GLY E 38 -12.00 6.60 -28.70
C GLY E 38 -12.98 6.05 -27.69
N ALA E 39 -12.79 6.46 -26.44
CA ALA E 39 -13.65 6.02 -25.35
C ALA E 39 -15.09 6.44 -25.60
N VAL E 40 -15.27 7.73 -25.94
CA VAL E 40 -16.61 8.26 -26.22
C VAL E 40 -17.21 7.61 -27.48
N GLU E 41 -16.51 7.72 -28.60
CA GLU E 41 -17.01 7.10 -29.83
C GLU E 41 -17.44 5.65 -29.61
N THR E 42 -16.57 4.84 -29.00
CA THR E 42 -16.93 3.45 -28.80
C THR E 42 -18.21 3.27 -28.00
N MET E 43 -18.31 3.99 -26.87
CA MET E 43 -19.50 3.86 -26.03
C MET E 43 -20.76 4.17 -26.84
N ILE E 44 -20.76 5.29 -27.55
CA ILE E 44 -21.88 5.68 -28.38
C ILE E 44 -22.07 4.66 -29.53
N GLU E 45 -21.23 4.77 -30.55
CA GLU E 45 -21.30 3.91 -31.71
C GLU E 45 -21.52 2.42 -31.45
N LYS E 46 -20.90 1.85 -30.41
CA LYS E 46 -21.08 0.42 -30.20
C LYS E 46 -21.98 -0.03 -29.06
N HIS E 47 -22.19 0.82 -28.06
CA HIS E 47 -23.00 0.37 -26.94
C HIS E 47 -24.29 1.15 -26.73
N ASP E 48 -24.53 2.11 -27.61
CA ASP E 48 -25.75 2.93 -27.55
C ASP E 48 -25.85 3.80 -26.32
N VAL E 49 -24.76 4.47 -25.98
CA VAL E 49 -24.77 5.35 -24.82
C VAL E 49 -25.16 6.72 -25.35
N LYS E 50 -25.96 7.44 -24.60
CA LYS E 50 -26.39 8.76 -25.01
C LYS E 50 -25.39 9.86 -24.68
N LEU E 51 -24.99 10.60 -25.70
CA LEU E 51 -24.02 11.67 -25.52
C LEU E 51 -24.32 12.54 -24.32
N GLU E 52 -25.59 12.79 -24.04
CA GLU E 52 -25.95 13.64 -22.91
C GLU E 52 -25.66 12.95 -21.58
N ASN E 53 -25.53 11.63 -21.63
CA ASN E 53 -25.27 10.82 -20.45
C ASN E 53 -23.79 10.55 -20.17
N ILE E 54 -22.92 11.35 -20.78
CA ILE E 54 -21.49 11.20 -20.62
C ILE E 54 -20.89 12.49 -20.18
N ASP E 55 -20.50 12.57 -18.90
CA ASP E 55 -19.86 13.79 -18.40
C ASP E 55 -18.37 13.70 -18.58
N ILE E 56 -17.75 14.80 -18.96
CA ILE E 56 -16.31 14.80 -19.14
C ILE E 56 -15.68 15.94 -18.38
N GLU E 57 -15.10 15.64 -17.23
CA GLU E 57 -14.43 16.63 -16.41
C GLU E 57 -12.92 16.44 -16.62
N SER E 58 -12.12 17.40 -16.15
CA SER E 58 -10.68 17.24 -16.30
C SER E 58 -9.92 17.86 -15.12
N VAL E 59 -8.69 17.40 -14.90
CA VAL E 59 -7.86 17.92 -13.82
C VAL E 59 -6.47 18.19 -14.38
N PRO E 60 -5.62 18.91 -13.62
CA PRO E 60 -4.26 19.24 -14.05
C PRO E 60 -3.46 17.97 -14.43
N GLY E 61 -3.04 17.20 -13.43
CA GLY E 61 -2.27 16.00 -13.71
C GLY E 61 -2.83 14.71 -13.14
N SER E 62 -2.16 13.60 -13.46
CA SER E 62 -2.58 12.29 -13.00
C SER E 62 -2.75 12.20 -11.50
N TRP E 63 -1.92 12.94 -10.76
CA TRP E 63 -2.02 12.91 -9.32
C TRP E 63 -3.42 13.29 -8.87
N GLU E 64 -4.05 14.20 -9.60
CA GLU E 64 -5.38 14.68 -9.24
C GLU E 64 -6.53 13.78 -9.66
N LEU E 65 -6.27 12.79 -10.50
CA LEU E 65 -7.32 11.88 -10.94
C LEU E 65 -8.15 11.26 -9.82
N PRO E 66 -7.52 10.61 -8.84
CA PRO E 66 -8.33 10.01 -7.77
C PRO E 66 -9.19 11.05 -7.03
N GLN E 67 -8.58 12.19 -6.72
CA GLN E 67 -9.27 13.23 -5.99
C GLN E 67 -10.41 13.82 -6.83
N GLY E 68 -10.17 14.03 -8.11
CA GLY E 68 -11.21 14.57 -8.96
C GLY E 68 -12.39 13.63 -9.04
N ILE E 69 -12.10 12.35 -9.25
CA ILE E 69 -13.16 11.36 -9.33
C ILE E 69 -13.95 11.29 -8.02
N ARG E 70 -13.26 11.26 -6.88
CA ARG E 70 -13.95 11.18 -5.61
C ARG E 70 -14.96 12.31 -5.50
N ALA E 71 -14.49 13.53 -5.76
CA ALA E 71 -15.34 14.71 -5.70
C ALA E 71 -16.57 14.50 -6.58
N SER E 72 -16.37 14.29 -7.88
CA SER E 72 -17.49 14.09 -8.78
C SER E 72 -18.42 12.94 -8.36
N ILE E 73 -17.86 11.83 -7.91
CA ILE E 73 -18.65 10.68 -7.49
C ILE E 73 -19.61 11.08 -6.38
N ALA E 74 -19.25 12.10 -5.62
CA ALA E 74 -20.09 12.58 -4.52
C ALA E 74 -21.21 13.51 -5.01
N ARG E 75 -20.88 14.43 -5.92
CA ARG E 75 -21.84 15.37 -6.47
C ARG E 75 -23.00 14.68 -7.19
N ASN E 76 -22.70 13.90 -8.22
CA ASN E 76 -23.77 13.24 -8.96
C ASN E 76 -23.72 11.75 -8.84
N THR E 77 -24.44 11.06 -9.72
CA THR E 77 -24.46 9.62 -9.71
C THR E 77 -24.12 9.08 -11.07
N TYR E 78 -23.15 8.18 -11.12
CA TYR E 78 -22.74 7.57 -12.37
C TYR E 78 -22.77 6.07 -12.24
N ASP E 79 -22.80 5.37 -13.36
CA ASP E 79 -22.81 3.93 -13.32
C ASP E 79 -21.40 3.38 -13.47
N ALA E 80 -20.51 4.22 -14.00
CA ALA E 80 -19.14 3.84 -14.20
C ALA E 80 -18.33 5.09 -14.50
N VAL E 81 -17.04 5.06 -14.16
CA VAL E 81 -16.19 6.20 -14.43
C VAL E 81 -14.87 5.72 -15.01
N ILE E 82 -14.28 6.54 -15.88
CA ILE E 82 -13.02 6.22 -16.52
C ILE E 82 -11.99 7.27 -16.16
N GLY E 83 -10.87 6.83 -15.57
CA GLY E 83 -9.80 7.75 -15.22
C GLY E 83 -8.77 7.69 -16.32
N ILE E 84 -8.47 8.83 -16.93
CA ILE E 84 -7.51 8.84 -18.02
C ILE E 84 -6.34 9.78 -17.80
N GLY E 85 -5.14 9.27 -18.01
CA GLY E 85 -3.95 10.10 -17.84
C GLY E 85 -2.73 9.39 -18.39
N VAL E 86 -1.67 10.13 -18.67
CA VAL E 86 -0.48 9.45 -19.13
C VAL E 86 0.76 10.03 -18.44
N LEU E 87 1.49 9.11 -17.79
CA LEU E 87 2.70 9.47 -17.08
C LEU E 87 3.89 8.96 -17.89
N ILE E 88 4.86 9.84 -18.09
CA ILE E 88 6.06 9.50 -18.85
C ILE E 88 7.29 9.55 -17.97
N LYS E 89 8.11 8.50 -18.05
CA LYS E 89 9.35 8.43 -17.26
C LYS E 89 10.25 9.62 -17.55
N GLY E 90 10.73 10.29 -16.51
CA GLY E 90 11.62 11.44 -16.67
C GLY E 90 13.00 11.12 -16.11
N SER E 91 13.71 12.13 -15.63
CA SER E 91 15.05 11.90 -15.09
C SER E 91 15.10 11.48 -13.65
N THR E 92 14.04 11.75 -12.90
CA THR E 92 13.99 11.42 -11.48
C THR E 92 13.09 10.20 -11.20
N MET E 93 12.89 9.89 -9.92
CA MET E 93 12.06 8.75 -9.50
C MET E 93 10.59 9.15 -9.37
N HIS E 94 10.32 10.42 -9.65
CA HIS E 94 8.99 10.97 -9.57
C HIS E 94 7.96 10.09 -10.29
N PHE E 95 8.30 9.66 -11.49
CA PHE E 95 7.41 8.83 -12.28
C PHE E 95 6.96 7.57 -11.52
N GLU E 96 7.92 6.83 -10.98
CA GLU E 96 7.62 5.64 -10.25
C GLU E 96 6.67 5.89 -9.08
N TYR E 97 6.96 6.90 -8.26
CA TYR E 97 6.12 7.18 -7.11
C TYR E 97 4.73 7.71 -7.41
N ILE E 98 4.59 8.62 -8.37
CA ILE E 98 3.25 9.11 -8.71
C ILE E 98 2.42 7.91 -9.21
N SER E 99 3.00 7.15 -10.13
CA SER E 99 2.35 6.01 -10.73
C SER E 99 1.78 5.05 -9.71
N GLU E 100 2.63 4.63 -8.79
CA GLU E 100 2.20 3.70 -7.78
C GLU E 100 1.06 4.30 -6.95
N ALA E 101 1.23 5.54 -6.52
CA ALA E 101 0.22 6.20 -5.69
C ALA E 101 -1.11 6.41 -6.42
N VAL E 102 -1.05 6.82 -7.68
CA VAL E 102 -2.26 7.06 -8.42
C VAL E 102 -3.01 5.75 -8.67
N VAL E 103 -2.30 4.71 -9.04
CA VAL E 103 -2.99 3.46 -9.31
C VAL E 103 -3.64 2.93 -8.04
N HIS E 104 -2.96 3.02 -6.91
CA HIS E 104 -3.56 2.54 -5.68
C HIS E 104 -4.77 3.42 -5.36
N GLY E 105 -4.64 4.72 -5.61
CA GLY E 105 -5.72 5.68 -5.34
C GLY E 105 -7.00 5.39 -6.09
N LEU E 106 -6.89 5.17 -7.40
CA LEU E 106 -8.05 4.87 -8.23
C LEU E 106 -8.74 3.60 -7.75
N MET E 107 -7.94 2.59 -7.41
CA MET E 107 -8.49 1.33 -6.92
C MET E 107 -9.28 1.60 -5.65
N ARG E 108 -8.74 2.44 -4.78
CA ARG E 108 -9.42 2.75 -3.51
C ARG E 108 -10.74 3.46 -3.75
N VAL E 109 -10.72 4.53 -4.54
CA VAL E 109 -11.93 5.28 -4.83
C VAL E 109 -13.03 4.35 -5.37
N GLY E 110 -12.64 3.39 -6.19
CA GLY E 110 -13.64 2.49 -6.73
C GLY E 110 -14.18 1.56 -5.65
N LEU E 111 -13.31 0.93 -4.88
CA LEU E 111 -13.75 0.01 -3.84
C LEU E 111 -14.52 0.67 -2.72
N ASP E 112 -14.18 1.93 -2.42
CA ASP E 112 -14.88 2.64 -1.35
C ASP E 112 -16.28 3.02 -1.81
N SER E 113 -16.36 3.60 -2.99
CA SER E 113 -17.61 4.10 -3.53
C SER E 113 -18.55 3.06 -4.05
N GLY E 114 -18.02 1.93 -4.50
CA GLY E 114 -18.87 0.91 -5.05
C GLY E 114 -19.11 1.18 -6.53
N VAL E 115 -18.58 2.30 -7.03
CA VAL E 115 -18.73 2.65 -8.43
C VAL E 115 -17.54 2.12 -9.22
N PRO E 116 -17.79 1.39 -10.31
CA PRO E 116 -16.71 0.84 -11.14
C PRO E 116 -15.79 1.94 -11.68
N VAL E 117 -14.49 1.76 -11.52
CA VAL E 117 -13.52 2.73 -12.01
C VAL E 117 -12.63 2.02 -13.01
N ILE E 118 -12.65 2.50 -14.26
CA ILE E 118 -11.84 1.92 -15.33
C ILE E 118 -10.49 2.63 -15.39
N LEU E 119 -9.44 1.84 -15.50
CA LEU E 119 -8.10 2.38 -15.53
C LEU E 119 -7.67 2.77 -16.93
N GLY E 120 -7.61 4.09 -17.18
CA GLY E 120 -7.20 4.60 -18.48
C GLY E 120 -5.90 5.36 -18.27
N LEU E 121 -5.03 4.77 -17.45
CA LEU E 121 -3.74 5.36 -17.12
C LEU E 121 -2.64 4.70 -17.91
N LEU E 122 -1.84 5.49 -18.61
CA LEU E 122 -0.70 4.94 -19.36
C LEU E 122 0.57 5.35 -18.61
N THR E 123 1.40 4.37 -18.29
CA THR E 123 2.66 4.61 -17.56
C THR E 123 3.75 4.11 -18.50
N VAL E 124 4.23 5.03 -19.35
CA VAL E 124 5.20 4.73 -20.39
C VAL E 124 6.60 5.33 -20.21
N LEU E 125 7.53 4.80 -21.01
CA LEU E 125 8.91 5.26 -20.97
C LEU E 125 9.12 6.49 -21.83
N ASN E 126 8.30 6.65 -22.87
CA ASN E 126 8.45 7.80 -23.76
C ASN E 126 7.15 8.12 -24.48
N GLU E 127 7.05 9.35 -24.97
CA GLU E 127 5.86 9.82 -25.66
C GLU E 127 5.41 8.86 -26.79
N GLU E 128 6.36 8.31 -27.52
CA GLU E 128 6.02 7.41 -28.62
C GLU E 128 5.14 6.27 -28.12
N GLN E 129 5.56 5.62 -27.03
CA GLN E 129 4.77 4.52 -26.50
C GLN E 129 3.34 4.94 -26.18
N ALA E 130 3.19 6.19 -25.77
CA ALA E 130 1.88 6.71 -25.43
C ALA E 130 1.01 6.83 -26.66
N LEU E 131 1.53 7.57 -27.66
CA LEU E 131 0.81 7.80 -28.90
C LEU E 131 0.42 6.47 -29.55
N TYR E 132 1.33 5.51 -29.49
CA TYR E 132 1.06 4.22 -30.07
C TYR E 132 -0.16 3.56 -29.44
N ARG E 133 -0.30 3.71 -28.12
CA ARG E 133 -1.43 3.11 -27.45
C ARG E 133 -2.68 3.96 -27.57
N ALA E 134 -2.51 5.16 -28.11
CA ALA E 134 -3.62 6.09 -28.35
C ALA E 134 -4.12 5.92 -29.80
N GLY E 135 -3.63 4.89 -30.49
CA GLY E 135 -4.06 4.62 -31.85
C GLY E 135 -3.26 5.25 -32.98
N LEU E 136 -2.30 6.11 -32.67
CA LEU E 136 -1.48 6.73 -33.71
C LEU E 136 -0.35 5.80 -34.16
N ASN E 137 0.32 6.19 -35.23
CA ASN E 137 1.46 5.44 -35.77
C ASN E 137 1.32 3.92 -35.85
N GLY E 138 0.13 3.46 -36.25
CA GLY E 138 -0.09 2.04 -36.42
C GLY E 138 -0.60 1.27 -35.22
N GLY E 139 -0.77 1.94 -34.09
CA GLY E 139 -1.24 1.27 -32.90
C GLY E 139 -2.74 1.22 -32.74
N HIS E 140 -3.18 0.44 -31.75
CA HIS E 140 -4.59 0.27 -31.41
C HIS E 140 -4.99 1.27 -30.29
N ASN E 141 -6.05 2.04 -30.49
CA ASN E 141 -6.48 2.99 -29.48
C ASN E 141 -7.11 2.25 -28.31
N HIS E 142 -6.47 2.36 -27.14
CA HIS E 142 -6.93 1.70 -25.91
C HIS E 142 -8.16 2.34 -25.30
N GLY E 143 -8.45 3.60 -25.66
CA GLY E 143 -9.63 4.27 -25.14
C GLY E 143 -10.88 3.51 -25.55
N ASN E 144 -10.81 2.82 -26.68
CA ASN E 144 -11.95 2.04 -27.12
C ASN E 144 -12.21 0.96 -26.12
N ASP E 145 -11.16 0.21 -25.78
CA ASP E 145 -11.28 -0.89 -24.81
C ASP E 145 -11.87 -0.39 -23.52
N TRP E 146 -11.39 0.77 -23.07
CA TRP E 146 -11.87 1.34 -21.83
C TRP E 146 -13.37 1.63 -21.92
N GLY E 147 -13.80 2.16 -23.06
CA GLY E 147 -15.20 2.47 -23.27
C GLY E 147 -16.07 1.25 -23.07
N SER E 148 -15.76 0.18 -23.77
CA SER E 148 -16.54 -1.04 -23.63
C SER E 148 -16.52 -1.54 -22.19
N ALA E 149 -15.35 -1.41 -21.53
CA ALA E 149 -15.20 -1.87 -20.16
C ALA E 149 -16.10 -1.07 -19.23
N ALA E 150 -16.15 0.23 -19.45
CA ALA E 150 -17.00 1.06 -18.62
C ALA E 150 -18.45 0.57 -18.75
N VAL E 151 -18.89 0.38 -19.98
CA VAL E 151 -20.25 -0.06 -20.20
C VAL E 151 -20.53 -1.38 -19.52
N GLU E 152 -19.67 -2.37 -19.73
CA GLU E 152 -19.87 -3.68 -19.11
C GLU E 152 -19.93 -3.61 -17.58
N MET E 153 -18.97 -2.94 -16.97
CA MET E 153 -18.97 -2.85 -15.53
C MET E 153 -20.18 -2.09 -15.01
N GLY E 154 -20.61 -1.07 -15.75
CA GLY E 154 -21.77 -0.31 -15.34
C GLY E 154 -23.03 -1.16 -15.24
N LEU E 155 -23.29 -1.95 -16.29
CA LEU E 155 -24.45 -2.82 -16.30
C LEU E 155 -24.37 -3.85 -15.19
N LYS E 156 -23.26 -4.56 -15.11
CA LYS E 156 -23.13 -5.58 -14.08
C LYS E 156 -23.29 -4.99 -12.67
N ALA E 157 -23.04 -3.69 -12.53
CA ALA E 157 -23.18 -3.04 -11.24
C ALA E 157 -24.64 -3.04 -10.83
N LEU E 158 -25.54 -2.82 -11.79
CA LEU E 158 -26.98 -2.80 -11.55
C LEU E 158 -27.55 -4.21 -11.32
C2 CRM F . -5.23 -8.37 -18.01
O15 CRM F . -5.96 -9.06 -17.34
N3 CRM F . -5.57 -7.08 -18.37
C4 CRM F . -4.80 -6.19 -19.14
N10 CRM F . -5.17 -4.90 -19.47
C17 CRM F . -6.42 -4.25 -19.03
C18 CRM F . -6.79 -3.85 -17.59
C20 CRM F . -8.18 -3.12 -17.57
C22 CRM F . -8.20 -1.74 -18.34
C25 CRM F . -9.35 -0.78 -18.01
O26 CRM F . -9.56 -0.60 -16.60
O23 CRM F . -6.99 -1.04 -18.05
O21 CRM F . -9.19 -3.97 -18.19
O19 CRM F . -6.86 -5.06 -16.85
C9 CRM F . -4.35 -4.09 -20.23
O16 CRM F . -4.64 -2.93 -20.54
C8 CRM F . -3.00 -4.58 -20.77
C11 CRM F . -1.97 -3.80 -21.63
N7 CRM F . -2.71 -5.84 -20.43
C5 CRM F . -3.59 -6.71 -19.59
C6 CRM F . -3.18 -8.11 -19.25
O14 CRM F . -2.11 -8.55 -19.64
N1 CRM F . -4.03 -8.86 -18.47
P PO4 G . 6.46 -19.34 -10.44
O1 PO4 G . 6.53 -20.01 -9.13
O2 PO4 G . 5.07 -19.47 -10.98
O3 PO4 G . 6.81 -17.89 -10.28
O4 PO4 G . 7.42 -19.98 -11.39
P PO4 H . 18.16 -12.75 5.93
O1 PO4 H . 18.44 -11.81 7.04
O2 PO4 H . 17.22 -13.81 6.39
O3 PO4 H . 17.54 -12.00 4.79
O4 PO4 H . 19.44 -13.36 5.48
C2 CRM I . 3.42 -20.35 -0.42
O15 CRM I . 3.16 -20.28 0.76
N3 CRM I . 2.42 -20.35 -1.39
C4 CRM I . 2.60 -20.42 -2.77
N10 CRM I . 1.61 -20.42 -3.70
C17 CRM I . 0.17 -20.34 -3.38
C18 CRM I . -0.57 -19.11 -2.83
C20 CRM I . -2.12 -19.42 -2.69
C22 CRM I . -2.82 -19.62 -4.06
C25 CRM I . -4.36 -19.49 -4.05
O26 CRM I . -4.81 -18.28 -3.41
O23 CRM I . -2.39 -18.64 -5.00
O21 CRM I . -2.33 -20.67 -1.98
O19 CRM I . 0.04 -18.90 -1.57
C9 CRM I . 1.89 -20.49 -5.07
O16 CRM I . 1.01 -20.48 -5.94
C8 CRM I . 3.31 -20.59 -5.59
C11 CRM I . 3.79 -20.66 -7.07
N7 CRM I . 4.24 -20.58 -4.63
C5 CRM I . 3.95 -20.50 -3.18
C6 CRM I . 5.06 -20.50 -2.20
O14 CRM I . 6.22 -20.57 -2.60
N1 CRM I . 4.73 -20.42 -0.85
C2 CRM J . 14.98 -5.73 12.99
O15 CRM J . 14.59 -4.79 13.68
N3 CRM J . 14.34 -6.95 12.98
C4 CRM J . 14.71 -8.07 12.23
N10 CRM J . 14.04 -9.26 12.23
C17 CRM J . 12.82 -9.53 13.01
C18 CRM J . 11.42 -8.93 12.76
C20 CRM J . 10.37 -9.54 13.76
C22 CRM J . 10.12 -11.07 13.55
C25 CRM J . 8.83 -11.64 14.17
O26 CRM J . 7.65 -10.89 13.88
O23 CRM J . 10.04 -11.34 12.17
O21 CRM J . 10.85 -9.42 15.11
O19 CRM J . 11.58 -7.53 12.98
C9 CRM J . 14.49 -10.34 11.46
O16 CRM J . 13.91 -11.45 11.43
C8 CRM J . 15.72 -10.25 10.59
C11 CRM J . 16.34 -11.37 9.68
N7 CRM J . 16.33 -9.06 10.64
C5 CRM J . 15.86 -7.91 11.46
C6 CRM J . 16.62 -6.61 11.43
O14 CRM J . 17.62 -6.47 10.73
N1 CRM J . 16.13 -5.57 12.21
P PO4 K . 21.11 8.15 3.72
O1 PO4 K . 20.61 9.52 3.46
O2 PO4 K . 20.96 7.84 5.17
O3 PO4 K . 20.33 7.18 2.90
O4 PO4 K . 22.55 8.07 3.33
C2 CRM L . 13.45 15.29 3.66
O15 CRM L . 12.47 16.02 3.52
N3 CRM L . 13.67 14.60 4.85
C4 CRM L . 14.73 13.75 5.12
N10 CRM L . 14.92 13.07 6.30
C17 CRM L . 14.02 13.15 7.46
C18 CRM L . 12.60 12.59 7.55
C20 CRM L . 12.00 12.82 9.00
C22 CRM L . 12.76 12.03 10.12
C25 CRM L . 11.99 11.86 11.46
O26 CRM L . 10.66 11.36 11.26
O23 CRM L . 13.11 10.71 9.66
O21 CRM L . 12.10 14.22 9.36
O19 CRM L . 11.85 13.29 6.55
C9 CRM L . 16.02 12.24 6.49
O16 CRM L . 16.23 11.60 7.55
C8 CRM L . 17.07 12.02 5.40
C11 CRM L . 18.35 11.12 5.46
N7 CRM L . 16.84 12.69 4.28
C5 CRM L . 15.65 13.59 4.08
C6 CRM L . 15.46 14.31 2.77
O14 CRM L . 16.27 14.17 1.87
N1 CRM L . 14.36 15.12 2.63
P PO4 M . 11.24 14.36 -13.95
O1 PO4 M . 10.06 14.42 -14.85
O2 PO4 M . 11.11 15.43 -12.90
O3 PO4 M . 11.31 13.02 -13.31
O4 PO4 M . 12.49 14.60 -14.73
P PO4 N . 2.07 -2.64 -22.66
O1 PO4 N . 1.25 -3.87 -22.58
O2 PO4 N . 1.18 -1.46 -22.86
O3 PO4 N . 2.86 -2.47 -21.39
O4 PO4 N . 3.03 -2.77 -23.79
C2 CRM O . 0.83 13.57 -15.56
O15 CRM O . -0.35 13.28 -15.69
N3 CRM O . 1.25 14.46 -14.58
C4 CRM O . 2.56 14.87 -14.34
N10 CRM O . 2.96 15.73 -13.35
C17 CRM O . 2.03 16.37 -12.40
C18 CRM O . 1.27 15.67 -11.25
C20 CRM O . 0.44 16.75 -10.42
C22 CRM O . 1.35 17.78 -9.65
C25 CRM O . 0.65 18.56 -8.51
O26 CRM O . -0.07 17.73 -7.58
O23 CRM O . 2.45 17.09 -9.05
O21 CRM O . -0.40 17.59 -11.30
O19 CRM O . 0.41 14.75 -11.91
C9 CRM O . 4.29 16.07 -13.18
O16 CRM O . 4.68 16.85 -12.30
C8 CRM O . 5.40 15.50 -14.06
C11 CRM O . 6.92 15.79 -13.98
N7 CRM O . 4.95 14.66 -14.99
C5 CRM O . 3.51 14.30 -15.18
C6 CRM O . 3.11 13.33 -16.26
O14 CRM O . 3.96 12.84 -16.98
N1 CRM O . 1.77 13.02 -16.39
#